data_5RAS
#
_entry.id   5RAS
#
_cell.length_a   58.030
_cell.length_b   93.630
_cell.length_c   93.796
_cell.angle_alpha   90.000
_cell.angle_beta   108.190
_cell.angle_gamma   90.000
#
_symmetry.space_group_name_H-M   'P 1 21 1'
#
loop_
_entity.id
_entity.type
_entity.pdbx_description
1 polymer 'Lysine-specific demethylase 3B'
2 non-polymer 'CHLORIDE ION'
3 non-polymer 'MANGANESE (II) ION'
4 non-polymer '2-(4-phenylpiperidin-1-yl)ethanoic acid'
5 water water
#
_entity_poly.entity_id   1
_entity_poly.type   'polypeptide(L)'
_entity_poly.pdbx_seq_one_letter_code
;MHHHHHHSSGVDLGTENLYFQSMTSHSWLCDGRLLCLHDPSNKNNWKIFRECWKQGQPVLVSGVHKKLKSELWKPEAFSQ
EFGDQDVDLVNCRNCAIISDVKVRDFWDGFEIICKRLRSEDGQPMVLKLKDWPPGEDFRDMMPTRFEDLMENLPLPEYTK
RDGRLNLASRLPSYFVRPDLGPKMYNAYGLITAEDRRVGTTNLHLDVSDAVNVMVYVGIPIGEGAHDEEVLKTIDEGDAD
EVTKERIHDHKEKPGALWHIYAAKDAEKIRELLRKVGEEQGQENPPDHDPIHDQSWYLDQTLRKRLYEEYGVQGWAIVQF
LGDAVFIPAGAPHQVHNLYSCIKVAEDFVSPEHVKHCFRLTQEFRHLSNTHT
;
_entity_poly.pdbx_strand_id   A,B
#
# COMPACT_ATOMS: atom_id res chain seq x y z
N SER A 22 25.73 27.94 -34.38
CA SER A 22 26.90 27.13 -33.89
C SER A 22 26.42 26.13 -32.82
N MET A 23 26.87 24.87 -32.93
N MET A 23 26.84 24.86 -32.90
CA MET A 23 26.71 23.84 -31.87
CA MET A 23 26.53 23.81 -31.88
C MET A 23 27.28 24.41 -30.57
C MET A 23 27.28 24.16 -30.58
N THR A 24 26.52 24.25 -29.49
CA THR A 24 26.94 24.70 -28.15
C THR A 24 26.55 23.57 -27.18
N SER A 25 27.22 23.55 -26.06
CA SER A 25 27.07 22.50 -25.02
C SER A 25 25.67 22.65 -24.37
N HIS A 26 25.15 23.86 -24.22
CA HIS A 26 23.90 24.12 -23.46
C HIS A 26 23.40 25.54 -23.67
N SER A 27 22.21 25.78 -23.16
CA SER A 27 21.53 27.08 -23.10
C SER A 27 20.58 27.12 -21.90
N TRP A 28 19.82 28.21 -21.77
CA TRP A 28 18.96 28.44 -20.57
C TRP A 28 17.52 28.67 -21.07
N LEU A 29 16.58 28.09 -20.33
CA LEU A 29 15.15 28.38 -20.50
C LEU A 29 14.63 28.93 -19.18
N CYS A 30 13.34 29.27 -19.13
CA CYS A 30 12.72 29.81 -17.90
C CYS A 30 13.51 31.01 -17.37
N ASP A 31 13.92 31.92 -18.26
CA ASP A 31 14.71 33.15 -17.92
C ASP A 31 15.99 32.85 -17.12
N GLY A 32 16.72 31.78 -17.42
CA GLY A 32 17.96 31.34 -16.72
C GLY A 32 17.78 30.36 -15.59
N ARG A 33 16.52 30.04 -15.23
CA ARG A 33 16.22 29.15 -14.10
C ARG A 33 16.25 27.66 -14.54
N LEU A 34 16.30 27.34 -15.83
CA LEU A 34 16.26 25.91 -16.32
C LEU A 34 17.47 25.66 -17.24
N LEU A 35 18.34 24.73 -16.87
CA LEU A 35 19.42 24.23 -17.76
C LEU A 35 18.83 23.41 -18.92
N CYS A 36 19.26 23.70 -20.16
N CYS A 36 19.31 23.66 -20.15
CA CYS A 36 18.98 22.87 -21.37
CA CYS A 36 18.98 22.87 -21.37
C CYS A 36 20.30 22.36 -21.96
C CYS A 36 20.27 22.34 -22.00
N LEU A 37 20.59 21.07 -21.78
CA LEU A 37 21.79 20.42 -22.39
C LEU A 37 21.47 20.00 -23.84
N HIS A 38 22.40 20.19 -24.77
CA HIS A 38 22.10 20.01 -26.23
C HIS A 38 22.56 18.65 -26.80
N ASP A 39 23.55 18.02 -26.21
CA ASP A 39 24.18 16.78 -26.75
C ASP A 39 23.91 15.70 -25.72
N PRO A 40 22.92 14.81 -25.98
CA PRO A 40 22.55 13.82 -24.97
C PRO A 40 23.64 12.82 -24.56
N SER A 41 24.66 12.60 -25.40
CA SER A 41 25.70 11.59 -25.14
C SER A 41 27.03 12.25 -24.80
N ASN A 42 27.08 13.57 -24.55
CA ASN A 42 28.37 14.23 -24.18
C ASN A 42 28.88 13.75 -22.82
N LYS A 43 30.09 13.16 -22.80
CA LYS A 43 30.72 12.60 -21.57
C LYS A 43 31.00 13.68 -20.54
N ASN A 44 30.98 14.98 -20.89
CA ASN A 44 31.20 16.10 -19.93
C ASN A 44 29.89 16.72 -19.39
N ASN A 45 28.70 16.22 -19.72
CA ASN A 45 27.40 16.80 -19.27
C ASN A 45 27.31 16.88 -17.74
N TRP A 46 27.84 15.91 -17.02
CA TRP A 46 27.74 15.82 -15.54
C TRP A 46 28.30 17.08 -14.87
N LYS A 47 29.33 17.70 -15.47
CA LYS A 47 29.98 18.90 -14.92
C LYS A 47 29.00 20.08 -14.83
N ILE A 48 28.15 20.25 -15.83
CA ILE A 48 27.14 21.35 -15.94
C ILE A 48 25.87 20.94 -15.14
N PHE A 49 25.49 19.68 -15.24
CA PHE A 49 24.25 19.12 -14.63
C PHE A 49 24.29 19.16 -13.11
N ARG A 50 25.43 18.75 -12.54
N ARG A 50 25.39 18.73 -12.50
CA ARG A 50 25.55 18.39 -11.10
CA ARG A 50 25.35 18.38 -11.07
C ARG A 50 25.20 19.60 -10.22
C ARG A 50 25.13 19.63 -10.21
N GLU A 51 25.64 20.80 -10.62
CA GLU A 51 25.42 22.06 -9.86
C GLU A 51 23.92 22.40 -9.80
N CYS A 52 23.25 22.34 -10.96
CA CYS A 52 21.81 22.66 -11.02
C CYS A 52 21.00 21.61 -10.23
N TRP A 53 21.35 20.35 -10.40
CA TRP A 53 20.63 19.22 -9.76
C TRP A 53 20.71 19.28 -8.24
N LYS A 54 21.88 19.66 -7.71
CA LYS A 54 22.10 19.74 -6.25
C LYS A 54 21.18 20.81 -5.64
N GLN A 55 20.81 21.86 -6.38
CA GLN A 55 19.92 22.96 -5.96
C GLN A 55 18.43 22.57 -6.04
N GLY A 56 18.10 21.39 -6.54
CA GLY A 56 16.68 20.95 -6.55
C GLY A 56 15.95 21.35 -7.83
N GLN A 57 16.70 21.81 -8.84
CA GLN A 57 16.09 22.24 -10.14
C GLN A 57 15.84 21.06 -11.06
N PRO A 58 14.74 21.11 -11.85
CA PRO A 58 14.61 20.24 -13.02
C PRO A 58 15.68 20.61 -14.06
N VAL A 59 15.91 19.69 -15.03
CA VAL A 59 16.86 19.88 -16.15
C VAL A 59 16.23 19.31 -17.42
N LEU A 60 16.45 19.96 -18.56
CA LEU A 60 15.97 19.45 -19.88
C LEU A 60 17.20 19.03 -20.70
N VAL A 61 17.12 17.88 -21.40
CA VAL A 61 18.16 17.49 -22.37
C VAL A 61 17.50 17.24 -23.74
N SER A 62 17.91 17.98 -24.77
CA SER A 62 17.31 17.84 -26.12
C SER A 62 18.10 16.83 -26.99
N GLY A 63 17.43 16.31 -28.05
CA GLY A 63 18.07 15.52 -29.10
C GLY A 63 18.03 14.02 -28.93
N VAL A 64 17.37 13.46 -27.92
CA VAL A 64 17.41 12.01 -27.64
C VAL A 64 16.79 11.21 -28.82
N HIS A 65 15.80 11.78 -29.53
CA HIS A 65 15.12 11.13 -30.68
C HIS A 65 16.14 10.79 -31.77
N LYS A 66 17.19 11.59 -31.92
CA LYS A 66 18.24 11.36 -32.96
C LYS A 66 19.11 10.13 -32.61
N LYS A 67 19.10 9.65 -31.36
CA LYS A 67 19.89 8.50 -30.88
C LYS A 67 19.10 7.18 -31.01
N LEU A 68 17.78 7.26 -31.21
CA LEU A 68 16.86 6.10 -31.12
C LEU A 68 16.59 5.50 -32.53
N LYS A 69 16.12 4.27 -32.58
CA LYS A 69 15.59 3.67 -33.84
C LYS A 69 14.12 4.09 -34.01
N SER A 70 13.83 5.07 -34.86
CA SER A 70 12.51 5.74 -35.02
C SER A 70 11.41 4.72 -35.35
N GLU A 71 11.73 3.64 -36.08
CA GLU A 71 10.72 2.59 -36.44
C GLU A 71 10.19 1.82 -35.21
N LEU A 72 10.93 1.76 -34.08
CA LEU A 72 10.51 1.05 -32.85
C LEU A 72 9.48 1.88 -32.04
N TRP A 73 9.24 3.14 -32.37
CA TRP A 73 8.47 4.07 -31.49
C TRP A 73 7.24 4.62 -32.22
N LYS A 74 6.74 3.93 -33.24
CA LYS A 74 5.53 4.35 -34.01
C LYS A 74 4.27 3.71 -33.45
N PRO A 75 3.17 4.47 -33.38
CA PRO A 75 1.88 3.96 -32.93
C PRO A 75 1.36 2.75 -33.74
N GLU A 76 1.55 2.76 -35.06
CA GLU A 76 1.12 1.62 -35.94
C GLU A 76 1.84 0.33 -35.55
N ALA A 77 3.13 0.36 -35.17
CA ALA A 77 3.88 -0.86 -34.77
C ALA A 77 3.33 -1.38 -33.43
N PHE A 78 3.01 -0.51 -32.45
CA PHE A 78 2.46 -0.95 -31.16
C PHE A 78 1.11 -1.66 -31.46
N SER A 79 0.31 -1.10 -32.34
CA SER A 79 -1.03 -1.67 -32.65
C SER A 79 -0.89 -3.06 -33.31
N GLN A 80 -0.02 -3.20 -34.32
CA GLN A 80 0.23 -4.47 -35.07
C GLN A 80 0.70 -5.55 -34.09
N GLU A 81 1.72 -5.27 -33.26
CA GLU A 81 2.38 -6.29 -32.39
C GLU A 81 1.58 -6.65 -31.14
N PHE A 82 0.84 -5.73 -30.51
CA PHE A 82 0.27 -5.90 -29.17
C PHE A 82 -1.24 -5.62 -29.15
N GLY A 83 -1.87 -5.42 -30.32
CA GLY A 83 -3.25 -4.90 -30.42
C GLY A 83 -4.32 -5.77 -29.79
N ASP A 84 -4.08 -7.09 -29.62
CA ASP A 84 -5.07 -8.04 -29.01
C ASP A 84 -5.01 -8.10 -27.47
N GLN A 85 -4.13 -7.32 -26.81
CA GLN A 85 -4.12 -7.28 -25.33
C GLN A 85 -5.32 -6.49 -24.80
N ASP A 86 -5.83 -6.90 -23.65
CA ASP A 86 -6.95 -6.25 -22.90
C ASP A 86 -6.40 -5.17 -21.95
N VAL A 87 -7.04 -4.00 -21.91
CA VAL A 87 -6.53 -2.81 -21.18
C VAL A 87 -7.72 -1.99 -20.73
N ASP A 88 -7.49 -1.03 -19.80
CA ASP A 88 -8.45 0.02 -19.46
C ASP A 88 -7.89 1.35 -19.94
N LEU A 89 -8.80 2.23 -20.38
CA LEU A 89 -8.51 3.61 -20.79
C LEU A 89 -9.07 4.58 -19.77
N VAL A 90 -8.58 5.82 -19.74
CA VAL A 90 -9.21 6.94 -18.98
C VAL A 90 -9.71 8.05 -19.94
N ASN A 91 -10.95 8.52 -19.74
CA ASN A 91 -11.46 9.72 -20.46
C ASN A 91 -10.87 10.92 -19.73
N CYS A 92 -9.89 11.61 -20.35
CA CYS A 92 -9.16 12.73 -19.68
C CYS A 92 -10.12 13.85 -19.24
N ARG A 93 -11.26 14.05 -19.93
CA ARG A 93 -12.17 15.21 -19.70
C ARG A 93 -12.93 15.04 -18.38
N ASN A 94 -13.30 13.83 -17.99
CA ASN A 94 -14.17 13.59 -16.79
C ASN A 94 -13.60 12.52 -15.85
N CYS A 95 -12.42 11.93 -16.13
CA CYS A 95 -11.74 10.86 -15.33
C CYS A 95 -12.49 9.52 -15.33
N ALA A 96 -13.54 9.33 -16.13
CA ALA A 96 -14.25 8.05 -16.30
C ALA A 96 -13.33 6.97 -16.87
N ILE A 97 -13.50 5.72 -16.43
CA ILE A 97 -12.68 4.55 -16.83
C ILE A 97 -13.46 3.78 -17.91
N ILE A 98 -12.82 3.49 -19.04
CA ILE A 98 -13.37 2.59 -20.08
C ILE A 98 -12.70 1.22 -19.85
N SER A 99 -13.48 0.24 -19.39
CA SER A 99 -13.00 -1.05 -18.86
C SER A 99 -12.86 -2.11 -19.96
N ASP A 100 -11.73 -2.79 -19.98
CA ASP A 100 -11.59 -4.12 -20.62
C ASP A 100 -11.87 -4.01 -22.11
N VAL A 101 -11.18 -3.08 -22.79
CA VAL A 101 -11.21 -2.95 -24.27
C VAL A 101 -9.87 -3.44 -24.82
N LYS A 102 -9.74 -3.55 -26.12
CA LYS A 102 -8.49 -4.00 -26.79
C LYS A 102 -7.56 -2.79 -26.94
N VAL A 103 -6.27 -3.02 -26.80
CA VAL A 103 -5.30 -1.91 -26.93
C VAL A 103 -5.27 -1.34 -28.35
N ARG A 104 -5.62 -2.10 -29.41
CA ARG A 104 -5.77 -1.50 -30.77
C ARG A 104 -6.86 -0.41 -30.78
N ASP A 105 -7.90 -0.49 -29.93
CA ASP A 105 -9.01 0.53 -29.93
C ASP A 105 -8.43 1.90 -29.51
N PHE A 106 -7.35 1.90 -28.71
CA PHE A 106 -6.62 3.14 -28.37
C PHE A 106 -5.69 3.53 -29.54
N TRP A 107 -4.78 2.62 -29.92
CA TRP A 107 -3.71 2.95 -30.90
C TRP A 107 -4.27 3.39 -32.26
N ASP A 108 -5.30 2.74 -32.78
CA ASP A 108 -5.81 3.09 -34.14
C ASP A 108 -6.46 4.48 -34.21
N GLY A 109 -6.85 5.12 -33.09
CA GLY A 109 -7.33 6.50 -33.05
C GLY A 109 -6.27 7.52 -32.61
N PHE A 110 -5.00 7.13 -32.53
CA PHE A 110 -3.92 7.99 -31.90
C PHE A 110 -3.76 9.28 -32.72
N GLU A 111 -3.72 9.17 -34.05
CA GLU A 111 -3.55 10.32 -34.99
C GLU A 111 -4.78 10.55 -35.85
N ILE A 112 -5.54 9.50 -36.15
CA ILE A 112 -6.72 9.59 -37.04
C ILE A 112 -7.99 9.83 -36.21
N ILE A 113 -8.52 11.04 -36.19
CA ILE A 113 -9.61 11.44 -35.27
C ILE A 113 -10.90 10.65 -35.60
N CYS A 114 -11.20 10.37 -36.91
CA CYS A 114 -12.42 9.63 -37.40
C CYS A 114 -12.38 8.18 -36.89
N LYS A 115 -11.36 7.74 -36.13
CA LYS A 115 -11.32 6.33 -35.64
C LYS A 115 -11.42 6.32 -34.12
N ARG A 116 -11.52 7.48 -33.44
CA ARG A 116 -11.56 7.48 -31.95
C ARG A 116 -12.91 7.03 -31.41
N LEU A 117 -12.88 6.31 -30.29
CA LEU A 117 -14.08 6.07 -29.44
C LEU A 117 -14.78 7.42 -29.16
N ARG A 118 -16.12 7.43 -29.29
CA ARG A 118 -16.95 8.64 -29.13
C ARG A 118 -17.69 8.60 -27.80
N SER A 119 -17.86 9.76 -27.14
CA SER A 119 -18.70 9.92 -25.94
C SER A 119 -20.17 10.04 -26.39
N GLU A 120 -21.06 10.06 -25.42
CA GLU A 120 -22.55 10.18 -25.57
C GLU A 120 -22.90 11.39 -26.45
N ASP A 121 -22.23 12.53 -26.23
CA ASP A 121 -22.45 13.81 -26.93
C ASP A 121 -22.06 13.66 -28.41
N GLY A 122 -21.47 12.50 -28.78
CA GLY A 122 -21.02 12.18 -30.15
C GLY A 122 -19.70 12.79 -30.56
N GLN A 123 -18.91 13.35 -29.63
CA GLN A 123 -17.56 13.90 -29.97
C GLN A 123 -16.50 12.81 -29.82
N PRO A 124 -15.37 12.91 -30.53
CA PRO A 124 -14.31 11.95 -30.26
C PRO A 124 -13.68 12.23 -28.86
N MET A 125 -13.40 11.19 -28.07
CA MET A 125 -12.82 11.32 -26.72
C MET A 125 -11.31 11.58 -26.76
N VAL A 126 -10.87 12.31 -25.73
CA VAL A 126 -9.42 12.43 -25.40
C VAL A 126 -9.10 11.37 -24.37
N LEU A 127 -8.29 10.36 -24.77
CA LEU A 127 -8.07 9.13 -23.99
C LEU A 127 -6.61 9.02 -23.57
N LYS A 128 -6.43 8.44 -22.38
CA LYS A 128 -5.14 7.99 -21.82
C LYS A 128 -5.20 6.47 -21.70
N LEU A 129 -4.14 5.79 -22.10
CA LEU A 129 -3.95 4.33 -21.96
C LEU A 129 -3.35 4.07 -20.59
N LYS A 130 -4.10 3.40 -19.73
CA LYS A 130 -3.68 3.21 -18.30
C LYS A 130 -2.75 2.00 -18.18
N ASP A 131 -1.60 2.16 -17.49
CA ASP A 131 -0.79 1.02 -16.94
C ASP A 131 -0.47 0.01 -18.06
N TRP A 132 0.15 0.48 -19.13
CA TRP A 132 0.57 -0.35 -20.29
C TRP A 132 1.92 0.07 -20.83
N PRO A 133 2.86 -0.89 -21.00
CA PRO A 133 2.75 -2.25 -20.44
C PRO A 133 2.54 -2.30 -18.92
N PRO A 134 1.87 -3.34 -18.40
CA PRO A 134 1.48 -3.37 -16.99
C PRO A 134 2.64 -3.64 -16.00
N GLY A 135 2.54 -3.02 -14.82
CA GLY A 135 3.48 -3.15 -13.70
C GLY A 135 4.91 -3.02 -14.17
N GLU A 136 5.72 -4.07 -13.98
CA GLU A 136 7.17 -4.08 -14.30
C GLU A 136 7.42 -4.85 -15.59
N ASP A 137 6.44 -5.02 -16.49
CA ASP A 137 6.56 -5.98 -17.63
C ASP A 137 7.16 -5.38 -18.91
N PHE A 138 7.55 -4.10 -18.98
CA PHE A 138 8.10 -3.49 -20.22
C PHE A 138 9.25 -4.34 -20.81
N ARG A 139 10.25 -4.69 -20.02
CA ARG A 139 11.47 -5.41 -20.48
C ARG A 139 11.12 -6.78 -21.11
N ASP A 140 10.28 -7.57 -20.47
CA ASP A 140 9.84 -8.91 -20.96
C ASP A 140 8.99 -8.74 -22.23
N MET A 141 8.08 -7.76 -22.26
CA MET A 141 7.15 -7.58 -23.40
C MET A 141 7.88 -7.02 -24.62
N MET A 142 8.80 -6.04 -24.42
CA MET A 142 9.42 -5.26 -25.52
C MET A 142 10.93 -5.19 -25.34
N PRO A 143 11.66 -6.32 -25.45
CA PRO A 143 13.11 -6.33 -25.19
C PRO A 143 13.91 -5.41 -26.10
N THR A 144 13.55 -5.26 -27.39
CA THR A 144 14.26 -4.43 -28.37
C THR A 144 14.05 -2.92 -28.03
N ARG A 145 12.84 -2.54 -27.61
CA ARG A 145 12.55 -1.14 -27.13
C ARG A 145 13.35 -0.88 -25.86
N PHE A 146 13.38 -1.84 -24.94
CA PHE A 146 14.06 -1.69 -23.63
C PHE A 146 15.55 -1.38 -23.89
N GLU A 147 16.21 -2.18 -24.75
CA GLU A 147 17.63 -1.98 -25.10
C GLU A 147 17.84 -0.60 -25.74
N ASP A 148 16.96 -0.19 -26.67
CA ASP A 148 17.16 1.03 -27.47
C ASP A 148 17.09 2.26 -26.52
N LEU A 149 16.18 2.18 -25.57
CA LEU A 149 15.99 3.32 -24.61
C LEU A 149 17.17 3.33 -23.65
N MET A 150 17.42 2.21 -22.95
CA MET A 150 18.38 2.23 -21.82
C MET A 150 19.80 2.59 -22.29
N GLU A 151 20.19 2.20 -23.49
CA GLU A 151 21.54 2.48 -24.07
C GLU A 151 21.66 3.94 -24.53
N ASN A 152 20.56 4.69 -24.60
CA ASN A 152 20.60 6.08 -25.10
C ASN A 152 20.09 7.10 -24.06
N LEU A 153 19.77 6.71 -22.83
CA LEU A 153 19.41 7.69 -21.76
C LEU A 153 20.58 8.64 -21.51
N PRO A 154 20.32 9.96 -21.40
CA PRO A 154 21.34 10.92 -20.95
C PRO A 154 21.72 10.77 -19.47
N LEU A 155 22.88 11.30 -19.07
CA LEU A 155 23.43 11.25 -17.67
C LEU A 155 23.41 9.80 -17.19
N PRO A 156 24.06 8.88 -17.96
CA PRO A 156 23.94 7.45 -17.69
C PRO A 156 24.47 7.02 -16.30
N GLU A 157 25.41 7.74 -15.67
CA GLU A 157 25.90 7.35 -14.31
C GLU A 157 24.75 7.49 -13.31
N TYR A 158 23.83 8.46 -13.53
CA TYR A 158 22.61 8.65 -12.71
C TYR A 158 21.48 7.71 -13.15
N THR A 159 21.25 7.53 -14.46
CA THR A 159 19.95 7.03 -14.97
C THR A 159 19.95 5.50 -15.30
N LYS A 160 21.09 4.88 -15.53
CA LYS A 160 21.14 3.41 -15.83
C LYS A 160 20.95 2.60 -14.54
N ARG A 161 20.38 1.38 -14.65
CA ARG A 161 19.94 0.62 -13.45
C ARG A 161 21.15 0.40 -12.53
N ASP A 162 22.35 0.24 -13.09
CA ASP A 162 23.58 -0.02 -12.33
C ASP A 162 24.58 1.13 -12.46
N GLY A 163 24.14 2.38 -12.75
CA GLY A 163 25.10 3.50 -12.81
C GLY A 163 25.69 3.76 -11.44
N ARG A 164 26.93 4.24 -11.41
CA ARG A 164 27.68 4.56 -10.17
C ARG A 164 26.92 5.53 -9.30
N LEU A 165 26.18 6.52 -9.85
CA LEU A 165 25.47 7.51 -9.03
C LEU A 165 23.95 7.20 -8.90
N ASN A 166 23.54 5.97 -9.21
CA ASN A 166 22.15 5.56 -8.95
C ASN A 166 22.19 4.61 -7.74
N LEU A 167 21.65 5.04 -6.64
CA LEU A 167 21.68 4.25 -5.39
C LEU A 167 20.51 3.24 -5.33
N ALA A 168 19.64 3.14 -6.35
CA ALA A 168 18.41 2.29 -6.27
C ALA A 168 18.72 0.86 -5.81
N SER A 169 19.76 0.24 -6.37
CA SER A 169 20.11 -1.20 -6.14
C SER A 169 20.95 -1.38 -4.88
N ARG A 170 21.34 -0.29 -4.21
CA ARG A 170 22.35 -0.31 -3.12
C ARG A 170 21.75 0.08 -1.76
N LEU A 171 20.46 0.32 -1.63
CA LEU A 171 19.92 0.88 -0.36
C LEU A 171 19.19 -0.20 0.44
N PRO A 172 19.23 -0.13 1.77
CA PRO A 172 18.42 -1.06 2.56
C PRO A 172 16.95 -0.63 2.64
N SER A 173 16.18 -1.44 3.37
CA SER A 173 14.70 -1.31 3.46
C SER A 173 14.23 -0.08 4.23
N TYR A 174 15.11 0.67 4.87
CA TYR A 174 14.86 1.99 5.48
C TYR A 174 14.53 3.05 4.40
N PHE A 175 14.77 2.70 3.12
CA PHE A 175 14.51 3.55 1.92
C PHE A 175 13.43 2.92 1.05
N VAL A 176 12.50 3.74 0.58
CA VAL A 176 11.52 3.31 -0.46
C VAL A 176 12.28 3.24 -1.77
N ARG A 177 12.32 2.07 -2.37
CA ARG A 177 13.01 1.76 -3.63
C ARG A 177 12.04 1.82 -4.80
N PRO A 178 12.42 2.38 -5.97
CA PRO A 178 11.52 2.38 -7.13
C PRO A 178 11.30 0.99 -7.72
N ASP A 179 10.17 0.79 -8.41
CA ASP A 179 9.87 -0.44 -9.17
C ASP A 179 10.90 -0.54 -10.29
N LEU A 180 11.05 -1.72 -10.87
CA LEU A 180 11.85 -1.93 -12.11
C LEU A 180 11.11 -1.28 -13.29
N GLY A 181 11.83 -0.50 -14.10
CA GLY A 181 11.22 0.29 -15.18
C GLY A 181 11.71 -0.23 -16.52
N PRO A 182 11.60 0.54 -17.60
CA PRO A 182 10.87 1.82 -17.58
C PRO A 182 9.34 1.68 -17.61
N LYS A 183 8.64 2.82 -17.56
CA LYS A 183 7.15 2.94 -17.64
C LYS A 183 6.80 3.77 -18.89
N MET A 184 5.79 3.33 -19.65
CA MET A 184 5.35 4.04 -20.86
C MET A 184 4.09 4.83 -20.56
N TYR A 185 4.00 6.06 -21.07
CA TYR A 185 2.88 6.99 -20.82
C TYR A 185 2.34 7.44 -22.19
N ASN A 186 1.13 6.96 -22.53
CA ASN A 186 0.52 7.16 -23.88
C ASN A 186 -0.85 7.83 -23.73
N ALA A 187 -1.08 8.92 -24.43
CA ALA A 187 -2.35 9.68 -24.34
C ALA A 187 -2.51 10.58 -25.55
N TYR A 188 -3.79 10.86 -25.88
CA TYR A 188 -4.11 11.78 -26.97
C TYR A 188 -3.82 13.23 -26.50
N GLY A 189 -3.82 14.18 -27.43
CA GLY A 189 -3.72 15.62 -27.12
C GLY A 189 -5.03 16.17 -26.68
N LEU A 190 -5.01 17.13 -25.75
CA LEU A 190 -6.18 17.95 -25.35
C LEU A 190 -6.39 18.99 -26.47
N ILE A 191 -7.66 19.29 -26.76
CA ILE A 191 -8.11 19.93 -28.04
C ILE A 191 -8.73 21.31 -27.82
N THR A 192 -9.77 21.40 -27.03
CA THR A 192 -10.68 22.58 -26.98
C THR A 192 -10.23 23.63 -25.97
N ALA A 193 -10.88 24.81 -25.99
CA ALA A 193 -10.67 25.86 -24.97
C ALA A 193 -11.01 25.32 -23.58
N GLU A 194 -12.11 24.58 -23.41
CA GLU A 194 -12.50 23.96 -22.11
C GLU A 194 -11.37 22.99 -21.67
N ASP A 195 -10.76 22.27 -22.63
CA ASP A 195 -9.69 21.27 -22.34
C ASP A 195 -8.44 21.96 -21.73
N ARG A 196 -8.29 23.29 -21.83
CA ARG A 196 -7.07 24.01 -21.33
C ARG A 196 -6.89 23.78 -19.82
N ARG A 197 -7.99 23.59 -19.10
CA ARG A 197 -8.03 23.49 -17.62
C ARG A 197 -7.88 22.04 -17.12
N VAL A 198 -7.74 21.04 -18.00
CA VAL A 198 -7.70 19.57 -17.71
C VAL A 198 -6.23 19.12 -17.77
N GLY A 199 -5.85 18.16 -16.96
CA GLY A 199 -4.53 17.53 -17.01
C GLY A 199 -4.56 16.23 -17.79
N THR A 200 -3.46 15.86 -18.40
CA THR A 200 -3.23 14.47 -18.87
C THR A 200 -2.83 13.64 -17.63
N THR A 201 -1.86 14.15 -16.84
CA THR A 201 -1.49 13.59 -15.51
C THR A 201 -1.63 14.72 -14.50
N ASN A 202 -2.52 14.59 -13.54
CA ASN A 202 -2.75 15.58 -12.48
C ASN A 202 -1.48 15.78 -11.60
N LEU A 203 -1.56 16.84 -10.82
CA LEU A 203 -0.48 17.24 -9.88
C LEU A 203 -0.23 16.12 -8.86
N HIS A 204 1.02 15.72 -8.73
CA HIS A 204 1.48 14.63 -7.84
C HIS A 204 2.97 14.76 -7.58
N LEU A 205 3.52 13.95 -6.68
CA LEU A 205 4.99 13.89 -6.53
C LEU A 205 5.42 12.41 -6.38
N ASP A 206 6.70 12.15 -6.59
CA ASP A 206 7.35 10.81 -6.55
C ASP A 206 8.53 10.91 -5.55
N VAL A 207 8.79 9.86 -4.79
CA VAL A 207 9.89 9.91 -3.80
C VAL A 207 11.22 9.51 -4.43
N SER A 208 11.24 9.06 -5.69
N SER A 208 11.21 9.05 -5.68
CA SER A 208 12.45 8.81 -6.48
CA SER A 208 12.43 8.80 -6.50
C SER A 208 12.60 9.88 -7.58
C SER A 208 12.61 9.97 -7.49
N ASP A 209 13.82 10.13 -8.02
CA ASP A 209 14.07 10.99 -9.19
C ASP A 209 13.48 10.30 -10.42
N ALA A 210 13.24 11.02 -11.49
CA ALA A 210 12.85 10.37 -12.78
C ALA A 210 13.44 11.08 -13.98
N VAL A 211 13.65 10.37 -15.08
CA VAL A 211 13.92 10.98 -16.42
C VAL A 211 12.80 10.56 -17.38
N ASN A 212 12.17 11.51 -18.05
CA ASN A 212 10.96 11.26 -18.87
C ASN A 212 11.31 11.67 -20.31
N VAL A 213 11.34 10.70 -21.26
CA VAL A 213 11.76 10.99 -22.67
C VAL A 213 10.55 11.03 -23.63
N MET A 214 10.40 12.08 -24.43
CA MET A 214 9.34 12.15 -25.49
C MET A 214 9.88 11.42 -26.73
N VAL A 215 9.34 10.23 -27.03
CA VAL A 215 9.88 9.35 -28.13
C VAL A 215 9.01 9.52 -29.39
N TYR A 216 7.79 10.04 -29.30
CA TYR A 216 6.92 10.23 -30.51
C TYR A 216 5.87 11.30 -30.22
N VAL A 217 5.60 12.18 -31.18
CA VAL A 217 4.51 13.17 -31.15
C VAL A 217 3.69 12.99 -32.43
N GLY A 218 2.39 12.76 -32.23
CA GLY A 218 1.43 12.54 -33.33
C GLY A 218 0.56 13.75 -33.47
N ILE A 219 0.74 14.48 -34.55
CA ILE A 219 -0.08 15.68 -34.86
C ILE A 219 -1.18 15.26 -35.83
N PRO A 220 -2.46 15.16 -35.42
CA PRO A 220 -3.50 14.53 -36.24
C PRO A 220 -3.92 15.21 -37.55
N ILE A 221 -4.85 14.49 -38.21
CA ILE A 221 -5.62 14.73 -39.47
C ILE A 221 -7.10 14.33 -39.21
N GLY A 222 -8.04 15.09 -39.80
CA GLY A 222 -9.50 14.90 -39.68
C GLY A 222 -10.15 16.14 -39.10
N GLU A 223 -9.85 16.42 -37.84
CA GLU A 223 -9.86 17.79 -37.25
C GLU A 223 -8.39 18.24 -37.16
N GLY A 224 -7.70 18.26 -38.30
CA GLY A 224 -6.31 18.75 -38.48
C GLY A 224 -6.29 20.13 -39.13
N ALA A 225 -5.55 21.06 -38.50
CA ALA A 225 -5.63 22.54 -38.64
C ALA A 225 -5.91 23.15 -37.25
N HIS A 226 -5.55 22.42 -36.17
CA HIS A 226 -5.92 22.67 -34.76
C HIS A 226 -4.79 23.48 -34.07
N ASP A 227 -4.07 24.28 -34.85
CA ASP A 227 -2.75 24.88 -34.53
C ASP A 227 -2.91 26.01 -33.51
N GLU A 228 -4.01 26.77 -33.55
CA GLU A 228 -4.11 28.10 -32.87
C GLU A 228 -4.42 27.92 -31.37
N GLU A 229 -5.29 26.97 -30.99
CA GLU A 229 -5.58 26.71 -29.53
C GLU A 229 -4.30 26.21 -28.82
N VAL A 230 -3.41 25.51 -29.52
CA VAL A 230 -2.07 25.09 -28.99
C VAL A 230 -1.23 26.35 -28.63
N LEU A 231 -1.26 27.44 -29.41
CA LEU A 231 -0.44 28.67 -29.08
C LEU A 231 -0.98 29.43 -27.84
N LYS A 232 -2.29 29.54 -27.70
N LYS A 232 -2.30 29.53 -27.72
CA LYS A 232 -2.95 30.16 -26.53
CA LYS A 232 -2.99 30.15 -26.55
C LYS A 232 -2.66 29.35 -25.27
C LYS A 232 -2.66 29.35 -25.28
N THR A 233 -2.55 28.02 -25.40
CA THR A 233 -2.28 27.13 -24.24
C THR A 233 -0.84 27.35 -23.71
N ILE A 234 0.12 27.43 -24.62
CA ILE A 234 1.56 27.67 -24.29
C ILE A 234 1.71 29.07 -23.67
N ASP A 235 1.07 30.09 -24.25
CA ASP A 235 1.17 31.50 -23.78
C ASP A 235 0.57 31.65 -22.36
N GLU A 236 -0.69 31.25 -22.20
CA GLU A 236 -1.44 31.26 -20.91
C GLU A 236 -0.75 30.30 -19.89
N GLY A 237 -0.09 29.25 -20.39
CA GLY A 237 0.71 28.31 -19.58
C GLY A 237 1.97 28.95 -19.00
N ASP A 238 2.36 30.19 -19.43
CA ASP A 238 3.48 30.99 -18.85
C ASP A 238 4.83 30.61 -19.44
N ALA A 239 4.85 29.96 -20.60
CA ALA A 239 6.11 29.57 -21.28
C ALA A 239 6.94 30.83 -21.57
N ASP A 240 8.27 30.72 -21.49
CA ASP A 240 9.21 31.85 -21.70
C ASP A 240 9.29 32.16 -23.20
N GLU A 241 9.91 33.32 -23.54
CA GLU A 241 9.94 33.84 -24.93
C GLU A 241 10.87 32.96 -25.78
N VAL A 242 11.94 32.42 -25.20
CA VAL A 242 12.90 31.53 -25.92
C VAL A 242 12.18 30.22 -26.33
N THR A 243 11.35 29.64 -25.45
CA THR A 243 10.54 28.44 -25.77
C THR A 243 9.55 28.77 -26.90
N LYS A 244 8.95 29.96 -26.89
CA LYS A 244 8.00 30.34 -27.97
C LYS A 244 8.74 30.45 -29.32
N GLU A 245 10.07 30.58 -29.32
CA GLU A 245 10.91 30.64 -30.54
C GLU A 245 11.16 29.24 -31.13
N ARG A 246 11.19 28.12 -30.35
CA ARG A 246 11.47 26.75 -30.90
C ARG A 246 10.35 26.29 -31.84
N ILE A 247 9.12 26.80 -31.63
CA ILE A 247 7.92 26.61 -32.50
C ILE A 247 8.11 27.39 -33.81
N HIS A 248 8.11 28.72 -33.70
CA HIS A 248 7.93 29.68 -34.82
C HIS A 248 9.18 29.74 -35.72
N ASP A 249 10.35 29.32 -35.22
CA ASP A 249 11.67 29.51 -35.91
C ASP A 249 12.27 28.15 -36.36
N HIS A 250 12.25 27.10 -35.52
CA HIS A 250 12.92 25.79 -35.79
C HIS A 250 11.94 24.71 -36.26
N LYS A 251 10.62 24.96 -36.15
CA LYS A 251 9.49 24.06 -36.53
C LYS A 251 9.60 22.69 -35.85
N GLU A 252 10.16 22.59 -34.64
CA GLU A 252 10.14 21.34 -33.81
C GLU A 252 8.70 21.03 -33.40
N LYS A 253 8.38 19.75 -33.14
CA LYS A 253 7.04 19.23 -32.73
C LYS A 253 6.89 19.28 -31.20
N PRO A 254 6.01 20.15 -30.64
CA PRO A 254 5.76 20.23 -29.19
C PRO A 254 4.77 19.14 -28.77
N GLY A 255 5.14 18.40 -27.75
CA GLY A 255 4.33 17.31 -27.20
C GLY A 255 3.44 17.76 -26.07
N ALA A 256 4.06 18.24 -24.99
CA ALA A 256 3.36 18.39 -23.68
C ALA A 256 3.85 19.60 -22.91
N LEU A 257 2.93 20.24 -22.21
CA LEU A 257 3.23 21.37 -21.29
C LEU A 257 3.28 20.82 -19.87
N TRP A 258 4.41 21.01 -19.16
CA TRP A 258 4.63 20.60 -17.76
C TRP A 258 4.59 21.85 -16.87
N HIS A 259 4.13 21.70 -15.64
CA HIS A 259 4.49 22.65 -14.57
C HIS A 259 5.16 21.84 -13.46
N ILE A 260 6.34 22.27 -13.03
CA ILE A 260 7.10 21.59 -11.96
C ILE A 260 7.35 22.63 -10.86
N TYR A 261 7.26 22.19 -9.62
CA TYR A 261 7.47 23.02 -8.40
C TYR A 261 8.58 22.40 -7.55
N ALA A 262 9.36 23.26 -6.85
CA ALA A 262 10.42 22.80 -5.95
C ALA A 262 9.85 21.95 -4.82
N ALA A 263 10.55 20.90 -4.44
CA ALA A 263 10.16 20.02 -3.33
C ALA A 263 9.92 20.88 -2.08
N LYS A 264 10.70 21.94 -1.89
CA LYS A 264 10.56 22.77 -0.65
C LYS A 264 9.23 23.49 -0.61
N ASP A 265 8.49 23.63 -1.73
CA ASP A 265 7.19 24.36 -1.79
C ASP A 265 5.99 23.43 -1.72
N ALA A 266 6.18 22.13 -1.54
CA ALA A 266 5.05 21.16 -1.56
C ALA A 266 4.00 21.46 -0.47
N GLU A 267 4.40 21.82 0.76
CA GLU A 267 3.40 22.09 1.84
C GLU A 267 2.60 23.37 1.54
N LYS A 268 3.20 24.44 1.01
CA LYS A 268 2.45 25.67 0.62
C LYS A 268 1.42 25.30 -0.45
N ILE A 269 1.76 24.43 -1.41
CA ILE A 269 0.78 23.98 -2.43
C ILE A 269 -0.35 23.18 -1.74
N ARG A 270 -0.06 22.31 -0.76
CA ARG A 270 -1.15 21.59 -0.02
C ARG A 270 -2.06 22.63 0.68
N GLU A 271 -1.50 23.68 1.25
CA GLU A 271 -2.33 24.69 1.97
C GLU A 271 -3.28 25.35 0.96
N LEU A 272 -2.82 25.72 -0.24
CA LEU A 272 -3.69 26.37 -1.26
C LEU A 272 -4.82 25.40 -1.61
N LEU A 273 -4.49 24.14 -1.87
CA LEU A 273 -5.50 23.17 -2.38
C LEU A 273 -6.49 22.80 -1.28
N ARG A 274 -6.10 22.82 -0.01
CA ARG A 274 -7.10 22.59 1.09
C ARG A 274 -8.05 23.79 1.16
N LYS A 275 -7.55 25.00 1.00
CA LYS A 275 -8.40 26.23 0.96
C LYS A 275 -9.34 26.16 -0.22
N VAL A 276 -8.84 25.78 -1.41
CA VAL A 276 -9.72 25.74 -2.62
C VAL A 276 -10.74 24.59 -2.50
N GLY A 277 -10.35 23.42 -2.00
CA GLY A 277 -11.29 22.29 -1.78
C GLY A 277 -12.43 22.71 -0.86
N GLU A 278 -12.13 23.47 0.18
CA GLU A 278 -13.13 23.99 1.15
C GLU A 278 -14.03 25.01 0.42
N GLU A 279 -13.48 25.97 -0.32
CA GLU A 279 -14.30 26.96 -1.08
C GLU A 279 -15.27 26.23 -2.02
N GLN A 280 -14.86 25.10 -2.61
CA GLN A 280 -15.67 24.35 -3.61
C GLN A 280 -16.56 23.33 -2.89
N GLY A 281 -16.74 23.46 -1.57
CA GLY A 281 -17.68 22.64 -0.79
C GLY A 281 -17.24 21.20 -0.61
N GLN A 282 -15.98 20.84 -0.90
CA GLN A 282 -15.41 19.54 -0.43
C GLN A 282 -15.38 19.56 1.10
N GLU A 283 -15.53 18.40 1.75
CA GLU A 283 -15.50 18.29 3.23
C GLU A 283 -14.35 17.34 3.58
N ASN A 284 -13.14 17.90 3.70
CA ASN A 284 -11.88 17.15 3.89
C ASN A 284 -11.38 17.41 5.32
N PRO A 285 -10.76 16.42 6.02
CA PRO A 285 -10.07 16.69 7.28
C PRO A 285 -8.89 17.63 7.09
N PRO A 286 -8.52 18.44 8.11
CA PRO A 286 -7.58 19.56 7.93
C PRO A 286 -6.14 19.16 7.55
N ASP A 287 -5.86 17.84 7.61
CA ASP A 287 -4.52 17.21 7.41
C ASP A 287 -4.48 16.37 6.13
N HIS A 288 -5.59 16.24 5.38
CA HIS A 288 -5.63 15.38 4.17
C HIS A 288 -4.66 15.97 3.15
N ASP A 289 -4.16 15.10 2.27
CA ASP A 289 -3.04 15.45 1.33
C ASP A 289 -3.55 15.55 -0.10
N PRO A 290 -3.86 16.78 -0.58
CA PRO A 290 -4.36 16.97 -1.94
C PRO A 290 -3.34 16.63 -3.05
N ILE A 291 -2.03 16.63 -2.77
CA ILE A 291 -1.02 16.19 -3.78
C ILE A 291 -1.05 14.65 -3.90
N HIS A 292 -1.05 13.91 -2.77
CA HIS A 292 -1.08 12.42 -2.83
C HIS A 292 -2.37 11.94 -3.53
N ASP A 293 -3.48 12.65 -3.36
CA ASP A 293 -4.81 12.33 -3.95
C ASP A 293 -4.79 12.37 -5.49
N GLN A 294 -3.91 13.19 -6.10
CA GLN A 294 -3.71 13.20 -7.57
C GLN A 294 -5.02 13.62 -8.26
N SER A 295 -5.75 14.53 -7.64
CA SER A 295 -7.12 14.94 -8.04
C SER A 295 -7.13 16.36 -8.65
N TRP A 296 -6.04 17.12 -8.55
CA TRP A 296 -6.01 18.54 -8.98
C TRP A 296 -5.16 18.76 -10.24
N TYR A 297 -5.59 19.70 -11.07
CA TYR A 297 -4.76 20.30 -12.15
C TYR A 297 -4.73 21.80 -11.91
N LEU A 298 -3.53 22.37 -11.73
CA LEU A 298 -3.41 23.84 -11.51
C LEU A 298 -3.59 24.56 -12.86
N ASP A 299 -4.77 25.16 -13.09
CA ASP A 299 -5.07 25.97 -14.29
C ASP A 299 -4.49 27.39 -14.12
N GLN A 300 -4.62 28.26 -15.11
CA GLN A 300 -4.08 29.63 -15.07
C GLN A 300 -4.54 30.34 -13.77
N THR A 301 -5.80 30.20 -13.41
CA THR A 301 -6.37 30.85 -12.20
C THR A 301 -5.61 30.36 -10.95
N LEU A 302 -5.43 29.04 -10.82
CA LEU A 302 -4.82 28.46 -9.58
C LEU A 302 -3.32 28.77 -9.55
N ARG A 303 -2.67 28.83 -10.71
CA ARG A 303 -1.21 29.06 -10.74
C ARG A 303 -0.98 30.52 -10.32
N LYS A 304 -1.86 31.44 -10.72
CA LYS A 304 -1.71 32.86 -10.31
C LYS A 304 -1.96 33.00 -8.78
N ARG A 305 -2.95 32.30 -8.24
CA ARG A 305 -3.28 32.32 -6.80
C ARG A 305 -2.10 31.76 -6.00
N LEU A 306 -1.45 30.72 -6.50
CA LEU A 306 -0.26 30.13 -5.83
C LEU A 306 0.84 31.17 -5.70
N TYR A 307 1.11 31.90 -6.79
CA TYR A 307 2.14 32.97 -6.82
C TYR A 307 1.72 34.11 -5.89
N GLU A 308 0.52 34.65 -6.05
CA GLU A 308 0.12 35.94 -5.39
C GLU A 308 -0.10 35.71 -3.89
N GLU A 309 -0.74 34.61 -3.50
CA GLU A 309 -1.26 34.39 -2.11
C GLU A 309 -0.23 33.62 -1.24
N TYR A 310 0.63 32.80 -1.87
CA TYR A 310 1.58 31.93 -1.15
C TYR A 310 3.03 32.24 -1.56
N GLY A 311 3.31 33.09 -2.56
CA GLY A 311 4.70 33.41 -2.93
C GLY A 311 5.48 32.29 -3.64
N VAL A 312 4.76 31.36 -4.28
CA VAL A 312 5.40 30.15 -4.92
C VAL A 312 5.41 30.33 -6.46
N GLN A 313 6.59 30.19 -7.00
CA GLN A 313 6.85 30.19 -8.49
C GLN A 313 7.26 28.79 -8.89
N GLY A 314 6.84 28.39 -10.09
CA GLY A 314 7.27 27.11 -10.65
C GLY A 314 8.06 27.28 -11.94
N TRP A 315 8.24 26.16 -12.61
CA TRP A 315 8.88 26.07 -13.95
C TRP A 315 7.82 25.59 -14.93
N ALA A 316 7.54 26.38 -15.97
CA ALA A 316 6.67 25.98 -17.10
C ALA A 316 7.57 25.49 -18.23
N ILE A 317 7.41 24.20 -18.62
CA ILE A 317 8.35 23.51 -19.56
C ILE A 317 7.53 22.95 -20.74
N VAL A 318 7.92 23.27 -21.96
CA VAL A 318 7.34 22.57 -23.14
C VAL A 318 8.33 21.49 -23.57
N GLN A 319 7.87 20.24 -23.48
CA GLN A 319 8.64 19.06 -23.88
C GLN A 319 8.35 18.73 -25.37
N PHE A 320 9.35 18.96 -26.22
CA PHE A 320 9.32 18.67 -27.69
C PHE A 320 9.75 17.23 -27.92
N LEU A 321 9.48 16.71 -29.14
CA LEU A 321 10.02 15.41 -29.55
C LEU A 321 11.51 15.34 -29.22
N GLY A 322 11.87 14.26 -28.53
CA GLY A 322 13.26 13.92 -28.16
C GLY A 322 13.77 14.66 -26.92
N ASP A 323 12.94 15.46 -26.28
CA ASP A 323 13.35 16.12 -25.00
C ASP A 323 13.22 15.13 -23.84
N ALA A 324 14.24 15.08 -22.98
CA ALA A 324 14.30 14.35 -21.70
C ALA A 324 14.12 15.34 -20.56
N VAL A 325 13.03 15.22 -19.82
CA VAL A 325 12.78 16.04 -18.59
C VAL A 325 13.27 15.25 -17.39
N PHE A 326 14.16 15.87 -16.58
CA PHE A 326 14.64 15.33 -15.29
C PHE A 326 13.78 15.96 -14.19
N ILE A 327 13.08 15.14 -13.39
CA ILE A 327 12.15 15.61 -12.32
C ILE A 327 12.75 15.21 -10.96
N PRO A 328 13.16 16.18 -10.12
CA PRO A 328 13.76 15.88 -8.83
C PRO A 328 12.77 15.20 -7.86
N ALA A 329 13.27 14.24 -7.10
CA ALA A 329 12.47 13.59 -6.04
C ALA A 329 11.81 14.63 -5.11
N GLY A 330 10.51 14.41 -4.82
CA GLY A 330 9.74 15.31 -3.97
C GLY A 330 9.13 16.52 -4.66
N ALA A 331 9.49 16.79 -5.95
CA ALA A 331 8.97 17.96 -6.67
C ALA A 331 7.56 17.72 -7.20
N PRO A 332 6.55 18.49 -6.75
CA PRO A 332 5.18 18.38 -7.32
C PRO A 332 5.20 18.73 -8.81
N HIS A 333 4.53 17.94 -9.67
CA HIS A 333 4.48 18.23 -11.13
C HIS A 333 3.16 17.70 -11.77
N GLN A 334 2.78 18.36 -12.85
CA GLN A 334 1.58 18.03 -13.66
C GLN A 334 1.96 18.11 -15.15
N VAL A 335 1.19 17.41 -15.99
CA VAL A 335 1.48 17.25 -17.43
C VAL A 335 0.17 17.45 -18.23
N HIS A 336 0.24 18.23 -19.31
CA HIS A 336 -0.91 18.57 -20.19
C HIS A 336 -0.48 18.33 -21.65
N ASN A 337 -0.96 17.26 -22.29
CA ASN A 337 -0.58 16.97 -23.69
C ASN A 337 -1.22 17.96 -24.68
N LEU A 338 -0.37 18.55 -25.51
CA LEU A 338 -0.73 19.50 -26.60
C LEU A 338 -1.15 18.67 -27.81
N TYR A 339 -0.41 17.63 -28.08
CA TYR A 339 -0.74 16.65 -29.18
C TYR A 339 -0.65 15.24 -28.61
N SER A 340 -0.96 14.20 -29.43
CA SER A 340 -0.84 12.80 -28.97
C SER A 340 0.64 12.45 -28.69
N CYS A 341 0.94 11.91 -27.51
CA CYS A 341 2.32 11.66 -27.04
C CYS A 341 2.58 10.23 -26.64
N ILE A 342 3.78 9.73 -26.97
CA ILE A 342 4.38 8.52 -26.37
C ILE A 342 5.59 9.02 -25.55
N LYS A 343 5.51 8.84 -24.24
CA LYS A 343 6.64 9.14 -23.33
C LYS A 343 7.14 7.84 -22.71
N VAL A 344 8.43 7.75 -22.42
CA VAL A 344 9.02 6.62 -21.67
C VAL A 344 9.88 7.19 -20.53
N ALA A 345 9.62 6.73 -19.31
CA ALA A 345 10.27 7.27 -18.10
C ALA A 345 10.99 6.19 -17.29
N GLU A 346 12.16 6.52 -16.70
CA GLU A 346 12.95 5.60 -15.85
C GLU A 346 13.14 6.29 -14.50
N ASP A 347 12.83 5.61 -13.40
CA ASP A 347 13.10 6.12 -12.04
C ASP A 347 14.56 5.81 -11.64
N PHE A 348 15.12 6.62 -10.76
CA PHE A 348 16.51 6.41 -10.24
C PHE A 348 16.61 7.13 -8.89
N VAL A 349 17.68 6.84 -8.12
CA VAL A 349 17.89 7.44 -6.78
C VAL A 349 19.27 8.12 -6.74
N SER A 350 19.33 9.41 -7.05
CA SER A 350 20.59 10.16 -6.99
C SER A 350 20.99 10.38 -5.53
N PRO A 351 22.31 10.53 -5.25
CA PRO A 351 22.71 10.86 -3.89
C PRO A 351 22.21 12.23 -3.43
N GLU A 352 22.07 13.17 -4.38
CA GLU A 352 21.68 14.56 -4.08
C GLU A 352 20.28 14.59 -3.46
N HIS A 353 19.42 13.59 -3.74
CA HIS A 353 18.00 13.65 -3.30
C HIS A 353 17.54 12.42 -2.52
N VAL A 354 18.48 11.61 -2.03
CA VAL A 354 18.12 10.35 -1.30
C VAL A 354 17.29 10.66 -0.03
N LYS A 355 17.44 11.80 0.64
CA LYS A 355 16.58 12.15 1.83
C LYS A 355 15.08 11.96 1.54
N HIS A 356 14.61 12.15 0.30
CA HIS A 356 13.15 12.15 0.03
C HIS A 356 12.58 10.72 0.12
N CYS A 357 13.36 9.63 0.04
CA CYS A 357 12.79 8.25 0.13
C CYS A 357 13.13 7.61 1.49
N PHE A 358 13.73 8.32 2.43
CA PHE A 358 14.09 7.74 3.76
C PHE A 358 12.77 7.61 4.56
N ARG A 359 12.61 6.45 5.22
CA ARG A 359 11.36 6.12 5.97
C ARG A 359 11.36 6.66 7.41
N LEU A 360 12.39 7.34 7.92
CA LEU A 360 12.27 7.93 9.28
C LEU A 360 12.35 9.47 9.27
N THR A 361 11.95 10.09 10.37
CA THR A 361 12.12 11.54 10.74
C THR A 361 11.65 12.43 9.59
N MET B 23 -20.11 -22.35 42.53
CA MET B 23 -19.65 -21.09 43.14
C MET B 23 -18.41 -20.58 42.37
N THR B 24 -18.04 -21.26 41.29
CA THR B 24 -16.94 -20.77 40.41
C THR B 24 -17.32 -19.38 39.87
N SER B 25 -16.43 -18.38 39.98
CA SER B 25 -16.73 -17.02 39.46
C SER B 25 -16.78 -17.03 37.93
N HIS B 26 -17.90 -16.60 37.35
CA HIS B 26 -18.13 -16.57 35.91
C HIS B 26 -19.25 -15.61 35.54
N SER B 27 -19.31 -15.22 34.26
CA SER B 27 -20.46 -14.50 33.67
C SER B 27 -20.60 -14.96 32.23
N TRP B 28 -21.70 -14.61 31.57
CA TRP B 28 -22.06 -15.04 30.21
C TRP B 28 -22.12 -13.77 29.35
N LEU B 29 -21.31 -13.70 28.29
CA LEU B 29 -21.31 -12.57 27.33
C LEU B 29 -21.88 -13.03 25.98
N CYS B 30 -21.82 -12.16 24.96
CA CYS B 30 -22.38 -12.46 23.61
C CYS B 30 -23.79 -13.07 23.78
N ASP B 31 -24.67 -12.37 24.51
CA ASP B 31 -26.12 -12.73 24.71
C ASP B 31 -26.26 -14.20 25.20
N GLY B 32 -25.46 -14.58 26.20
CA GLY B 32 -25.45 -15.93 26.80
C GLY B 32 -24.57 -17.00 26.12
N ARG B 33 -23.88 -16.70 25.00
CA ARG B 33 -23.22 -17.73 24.16
C ARG B 33 -21.70 -17.80 24.45
N LEU B 34 -21.17 -16.93 25.33
CA LEU B 34 -19.72 -16.92 25.66
C LEU B 34 -19.50 -17.04 27.16
N LEU B 35 -18.94 -18.16 27.65
CA LEU B 35 -18.48 -18.29 29.03
C LEU B 35 -17.28 -17.41 29.30
N CYS B 36 -17.34 -16.63 30.37
CA CYS B 36 -16.21 -15.81 30.88
C CYS B 36 -15.89 -16.28 32.30
N LEU B 37 -14.76 -16.94 32.51
CA LEU B 37 -14.26 -17.40 33.84
C LEU B 37 -13.35 -16.31 34.41
N HIS B 38 -13.51 -15.90 35.67
CA HIS B 38 -12.83 -14.69 36.23
C HIS B 38 -11.68 -15.02 37.21
N ASP B 39 -11.53 -16.26 37.70
CA ASP B 39 -10.37 -16.64 38.53
C ASP B 39 -9.48 -17.62 37.77
N PRO B 40 -8.33 -17.17 37.22
CA PRO B 40 -7.52 -18.04 36.35
C PRO B 40 -6.95 -19.31 37.01
N SER B 41 -6.74 -19.32 38.33
CA SER B 41 -6.16 -20.46 39.10
C SER B 41 -7.22 -21.27 39.87
N ASN B 42 -8.51 -21.06 39.65
CA ASN B 42 -9.55 -21.90 40.33
C ASN B 42 -9.52 -23.32 39.75
N LYS B 43 -9.24 -24.34 40.59
CA LYS B 43 -9.09 -25.75 40.15
C LYS B 43 -10.42 -26.36 39.68
N ASN B 44 -11.57 -25.70 39.91
CA ASN B 44 -12.92 -26.14 39.44
C ASN B 44 -13.32 -25.50 38.08
N ASN B 45 -12.42 -24.75 37.43
CA ASN B 45 -12.79 -24.04 36.15
C ASN B 45 -13.28 -25.03 35.10
N TRP B 46 -12.74 -26.26 35.09
CA TRP B 46 -13.08 -27.29 34.07
C TRP B 46 -14.59 -27.62 34.08
N LYS B 47 -15.25 -27.46 35.24
CA LYS B 47 -16.63 -27.99 35.40
C LYS B 47 -17.60 -27.32 34.42
N ILE B 48 -17.62 -25.98 34.32
CA ILE B 48 -18.55 -25.25 33.39
C ILE B 48 -17.95 -25.12 31.96
N PHE B 49 -16.61 -25.07 31.89
CA PHE B 49 -15.87 -25.09 30.60
C PHE B 49 -16.25 -26.29 29.71
N ARG B 50 -16.39 -27.52 30.31
CA ARG B 50 -16.52 -28.80 29.55
C ARG B 50 -17.66 -28.73 28.53
N GLU B 51 -18.89 -28.36 28.93
CA GLU B 51 -20.01 -28.39 27.96
C GLU B 51 -19.84 -27.30 26.90
N CYS B 52 -19.33 -26.11 27.25
CA CYS B 52 -19.12 -25.06 26.22
C CYS B 52 -18.11 -25.57 25.15
N TRP B 53 -17.03 -26.19 25.59
CA TRP B 53 -15.96 -26.74 24.72
C TRP B 53 -16.51 -27.89 23.88
N LYS B 54 -17.34 -28.77 24.47
CA LYS B 54 -18.02 -29.84 23.69
C LYS B 54 -18.91 -29.25 22.59
N GLN B 55 -19.64 -28.16 22.82
CA GLN B 55 -20.54 -27.54 21.85
C GLN B 55 -19.74 -26.76 20.79
N GLY B 56 -18.42 -26.73 20.87
CA GLY B 56 -17.53 -26.02 19.91
C GLY B 56 -17.48 -24.51 20.09
N GLN B 57 -17.71 -24.01 21.30
CA GLN B 57 -17.68 -22.57 21.62
C GLN B 57 -16.27 -22.16 22.02
N PRO B 58 -15.83 -20.92 21.65
CA PRO B 58 -14.72 -20.31 22.37
C PRO B 58 -15.10 -19.99 23.82
N VAL B 59 -14.09 -19.85 24.67
CA VAL B 59 -14.22 -19.49 26.11
C VAL B 59 -13.18 -18.41 26.44
N LEU B 60 -13.52 -17.50 27.36
CA LEU B 60 -12.57 -16.43 27.82
C LEU B 60 -12.27 -16.64 29.29
N VAL B 61 -11.02 -16.45 29.71
CA VAL B 61 -10.60 -16.44 31.13
C VAL B 61 -9.88 -15.10 31.36
N SER B 62 -10.37 -14.29 32.30
CA SER B 62 -9.82 -12.96 32.61
C SER B 62 -8.83 -13.05 33.78
N GLY B 63 -7.97 -12.04 33.94
CA GLY B 63 -7.08 -11.87 35.10
C GLY B 63 -5.69 -12.50 35.02
N VAL B 64 -5.27 -13.05 33.87
CA VAL B 64 -3.96 -13.78 33.78
C VAL B 64 -2.80 -12.78 34.02
N HIS B 65 -3.00 -11.51 33.70
CA HIS B 65 -1.94 -10.46 33.84
C HIS B 65 -1.54 -10.30 35.31
N LYS B 66 -2.48 -10.55 36.22
CA LYS B 66 -2.23 -10.42 37.69
C LYS B 66 -1.35 -11.55 38.21
N LYS B 67 -1.22 -12.65 37.47
CA LYS B 67 -0.40 -13.83 37.82
C LYS B 67 1.05 -13.68 37.29
N LEU B 68 1.28 -12.83 36.30
CA LEU B 68 2.57 -12.71 35.58
C LEU B 68 3.46 -11.68 36.31
N LYS B 69 4.74 -11.69 35.97
CA LYS B 69 5.75 -10.65 36.31
C LYS B 69 5.70 -9.53 35.26
N SER B 70 5.01 -8.44 35.55
CA SER B 70 4.69 -7.39 34.54
C SER B 70 5.98 -6.81 33.92
N GLU B 71 7.10 -6.75 34.65
CA GLU B 71 8.39 -6.15 34.17
C GLU B 71 8.94 -6.98 32.98
N LEU B 72 8.57 -8.26 32.86
CA LEU B 72 9.05 -9.17 31.81
C LEU B 72 8.33 -8.90 30.48
N TRP B 73 7.19 -8.20 30.47
CA TRP B 73 6.30 -8.14 29.28
C TRP B 73 6.21 -6.71 28.75
N LYS B 74 7.18 -5.83 29.04
CA LYS B 74 7.17 -4.42 28.58
C LYS B 74 7.90 -4.24 27.25
N PRO B 75 7.34 -3.42 26.32
CA PRO B 75 8.04 -3.12 25.05
C PRO B 75 9.49 -2.64 25.25
N GLU B 76 9.76 -1.78 26.25
CA GLU B 76 11.12 -1.23 26.52
C GLU B 76 12.12 -2.35 26.82
N ALA B 77 11.71 -3.39 27.56
CA ALA B 77 12.59 -4.51 27.97
C ALA B 77 12.94 -5.36 26.73
N PHE B 78 11.98 -5.62 25.84
CA PHE B 78 12.27 -6.39 24.59
C PHE B 78 13.31 -5.61 23.75
N SER B 79 13.15 -4.30 23.70
CA SER B 79 14.04 -3.42 22.89
C SER B 79 15.45 -3.42 23.50
N GLN B 80 15.59 -3.23 24.81
CA GLN B 80 16.92 -3.18 25.47
C GLN B 80 17.58 -4.55 25.37
N GLU B 81 16.84 -5.64 25.54
CA GLU B 81 17.42 -7.00 25.57
C GLU B 81 17.75 -7.52 24.17
N PHE B 82 16.94 -7.23 23.15
CA PHE B 82 16.99 -7.99 21.88
C PHE B 82 17.07 -7.03 20.67
N GLY B 83 17.23 -5.73 20.89
CA GLY B 83 16.92 -4.71 19.86
C GLY B 83 17.93 -4.65 18.72
N ASP B 84 19.12 -5.26 18.83
CA ASP B 84 20.10 -5.22 17.71
C ASP B 84 19.94 -6.45 16.79
N GLN B 85 18.92 -7.31 16.99
CA GLN B 85 18.60 -8.44 16.08
C GLN B 85 17.99 -7.93 14.77
N ASP B 86 18.27 -8.60 13.66
CA ASP B 86 17.68 -8.28 12.34
C ASP B 86 16.36 -9.05 12.23
N VAL B 87 15.37 -8.44 11.57
CA VAL B 87 14.00 -9.00 11.51
C VAL B 87 13.27 -8.44 10.27
N ASP B 88 12.21 -9.14 9.86
CA ASP B 88 11.27 -8.62 8.84
C ASP B 88 10.01 -8.12 9.55
N LEU B 89 9.42 -7.04 9.03
CA LEU B 89 8.09 -6.55 9.44
C LEU B 89 7.10 -6.66 8.29
N VAL B 90 5.80 -6.65 8.60
CA VAL B 90 4.68 -6.64 7.62
C VAL B 90 3.87 -5.33 7.81
N ASN B 91 3.67 -4.59 6.71
CA ASN B 91 2.74 -3.42 6.63
C ASN B 91 1.32 -3.98 6.57
N CYS B 92 0.54 -3.84 7.65
CA CYS B 92 -0.81 -4.49 7.75
C CYS B 92 -1.76 -3.94 6.68
N ARG B 93 -1.54 -2.71 6.22
CA ARG B 93 -2.48 -2.05 5.24
C ARG B 93 -2.35 -2.68 3.84
N ASN B 94 -1.16 -3.11 3.40
CA ASN B 94 -0.95 -3.58 1.99
C ASN B 94 -0.23 -4.93 1.96
N CYS B 95 0.04 -5.57 3.10
CA CYS B 95 0.73 -6.89 3.24
C CYS B 95 2.17 -6.88 2.73
N ALA B 96 2.77 -5.72 2.48
CA ALA B 96 4.18 -5.63 2.00
C ALA B 96 5.15 -6.00 3.12
N ILE B 97 6.26 -6.66 2.76
CA ILE B 97 7.34 -7.05 3.72
C ILE B 97 8.39 -5.95 3.74
N ILE B 98 8.76 -5.46 4.91
CA ILE B 98 9.89 -4.51 5.12
C ILE B 98 11.03 -5.39 5.67
N SER B 99 11.99 -5.76 4.82
CA SER B 99 12.97 -6.82 5.11
C SER B 99 14.23 -6.27 5.83
N ASP B 100 14.71 -7.02 6.82
CA ASP B 100 16.07 -6.85 7.40
C ASP B 100 16.24 -5.46 8.04
N VAL B 101 15.36 -5.09 8.95
CA VAL B 101 15.53 -3.92 9.83
C VAL B 101 15.81 -4.42 11.26
N LYS B 102 16.03 -3.50 12.19
CA LYS B 102 16.40 -3.84 13.60
C LYS B 102 15.12 -4.01 14.43
N VAL B 103 15.10 -5.02 15.30
CA VAL B 103 14.01 -5.28 16.31
C VAL B 103 13.73 -3.96 17.03
N ARG B 104 14.73 -3.12 17.38
CA ARG B 104 14.46 -1.85 18.11
C ARG B 104 13.65 -0.85 17.27
N ASP B 105 13.69 -0.93 15.93
CA ASP B 105 12.93 0.04 15.09
C ASP B 105 11.44 -0.33 15.12
N PHE B 106 11.08 -1.59 15.41
CA PHE B 106 9.65 -1.97 15.68
C PHE B 106 9.26 -1.49 17.09
N TRP B 107 10.02 -1.85 18.11
CA TRP B 107 9.61 -1.62 19.53
C TRP B 107 9.63 -0.12 19.88
N ASP B 108 10.54 0.68 19.32
CA ASP B 108 10.65 2.09 19.77
C ASP B 108 9.48 2.91 19.22
N GLY B 109 8.72 2.42 18.22
CA GLY B 109 7.47 3.01 17.71
C GLY B 109 6.18 2.36 18.24
N PHE B 110 6.29 1.44 19.18
CA PHE B 110 5.11 0.66 19.64
C PHE B 110 4.00 1.60 20.16
N GLU B 111 4.41 2.62 20.92
CA GLU B 111 3.48 3.57 21.57
C GLU B 111 3.75 5.02 21.16
N ILE B 112 4.91 5.34 20.57
CA ILE B 112 5.26 6.72 20.08
C ILE B 112 5.12 6.74 18.55
N ILE B 113 4.04 7.29 18.04
CA ILE B 113 3.66 7.19 16.61
C ILE B 113 4.68 7.95 15.71
N CYS B 114 5.25 9.06 16.17
CA CYS B 114 6.16 9.91 15.36
C CYS B 114 7.46 9.12 15.06
N LYS B 115 7.77 8.08 15.85
CA LYS B 115 9.01 7.28 15.77
C LYS B 115 8.87 6.12 14.76
N ARG B 116 7.69 5.87 14.25
CA ARG B 116 7.45 4.69 13.38
C ARG B 116 8.06 4.87 12.00
N LEU B 117 8.46 3.75 11.39
CA LEU B 117 8.80 3.71 9.93
C LEU B 117 7.59 4.17 9.13
N ARG B 118 7.81 4.93 8.05
CA ARG B 118 6.77 5.54 7.19
C ARG B 118 6.66 4.86 5.82
N SER B 119 5.48 4.94 5.21
CA SER B 119 5.18 4.49 3.84
C SER B 119 5.51 5.66 2.87
N GLU B 120 5.45 5.36 1.59
CA GLU B 120 5.66 6.31 0.45
C GLU B 120 4.86 7.61 0.66
N ASP B 121 3.64 7.56 1.23
CA ASP B 121 2.74 8.74 1.42
C ASP B 121 3.19 9.59 2.61
N GLY B 122 4.32 9.28 3.26
CA GLY B 122 4.77 9.98 4.48
C GLY B 122 4.00 9.68 5.76
N GLN B 123 3.05 8.74 5.76
CA GLN B 123 2.26 8.36 6.96
C GLN B 123 3.02 7.28 7.75
N PRO B 124 2.91 7.32 9.09
CA PRO B 124 3.41 6.24 9.94
C PRO B 124 2.70 4.91 9.59
N MET B 125 3.47 3.84 9.48
CA MET B 125 2.89 2.53 9.08
C MET B 125 2.32 1.83 10.34
N VAL B 126 1.32 1.01 10.10
CA VAL B 126 0.80 0.00 11.07
C VAL B 126 1.52 -1.31 10.76
N LEU B 127 2.38 -1.73 11.68
CA LEU B 127 3.34 -2.83 11.42
C LEU B 127 3.09 -4.02 12.36
N LYS B 128 3.38 -5.22 11.86
CA LYS B 128 3.53 -6.42 12.74
C LYS B 128 4.92 -7.06 12.58
N LEU B 129 5.45 -7.54 13.69
CA LEU B 129 6.74 -8.22 13.72
C LEU B 129 6.51 -9.63 13.21
N LYS B 130 7.20 -10.03 12.16
CA LYS B 130 7.02 -11.38 11.55
C LYS B 130 7.99 -12.37 12.23
N ASP B 131 7.44 -13.52 12.62
CA ASP B 131 8.23 -14.74 12.98
C ASP B 131 9.28 -14.36 14.04
N TRP B 132 8.87 -13.80 15.18
CA TRP B 132 9.81 -13.38 16.25
C TRP B 132 9.27 -13.72 17.65
N PRO B 133 10.06 -14.39 18.54
CA PRO B 133 11.28 -15.07 18.17
C PRO B 133 11.04 -16.08 17.06
N PRO B 134 12.05 -16.33 16.20
CA PRO B 134 11.86 -17.14 15.01
C PRO B 134 11.70 -18.64 15.33
N GLY B 135 10.84 -19.29 14.55
CA GLY B 135 10.60 -20.74 14.61
C GLY B 135 10.20 -21.11 16.03
N GLU B 136 11.00 -21.95 16.69
CA GLU B 136 10.77 -22.47 18.06
C GLU B 136 11.86 -21.93 19.00
N ASP B 137 12.43 -20.76 18.70
CA ASP B 137 13.54 -20.20 19.52
C ASP B 137 13.01 -19.55 20.82
N PHE B 138 11.67 -19.48 21.02
CA PHE B 138 11.08 -18.72 22.15
C PHE B 138 11.63 -19.25 23.48
N ARG B 139 11.61 -20.57 23.69
CA ARG B 139 12.17 -21.18 24.93
C ARG B 139 13.65 -20.83 25.10
N ASP B 140 14.45 -20.94 24.03
CA ASP B 140 15.93 -20.73 24.10
C ASP B 140 16.26 -19.26 24.19
N MET B 141 15.54 -18.38 23.47
CA MET B 141 15.88 -16.94 23.46
C MET B 141 15.36 -16.27 24.74
N MET B 142 14.21 -16.71 25.28
CA MET B 142 13.49 -15.97 26.35
C MET B 142 13.10 -16.93 27.48
N PRO B 143 14.05 -17.63 28.14
CA PRO B 143 13.68 -18.67 29.12
C PRO B 143 12.84 -18.20 30.32
N THR B 144 13.09 -17.00 30.84
CA THR B 144 12.35 -16.44 32.00
C THR B 144 10.91 -16.11 31.60
N ARG B 145 10.68 -15.60 30.38
CA ARG B 145 9.31 -15.37 29.81
C ARG B 145 8.59 -16.72 29.58
N PHE B 146 9.26 -17.74 29.07
CA PHE B 146 8.67 -19.09 28.90
C PHE B 146 8.12 -19.63 30.24
N GLU B 147 8.97 -19.59 31.29
CA GLU B 147 8.58 -20.09 32.64
C GLU B 147 7.41 -19.26 33.17
N ASP B 148 7.45 -17.93 33.02
CA ASP B 148 6.42 -17.02 33.60
C ASP B 148 5.06 -17.35 32.93
N LEU B 149 5.03 -17.50 31.61
CA LEU B 149 3.77 -17.82 30.89
C LEU B 149 3.28 -19.26 31.20
N MET B 150 4.11 -20.29 31.13
CA MET B 150 3.62 -21.70 31.29
C MET B 150 3.10 -21.98 32.70
N GLU B 151 3.70 -21.40 33.75
CA GLU B 151 3.27 -21.64 35.15
C GLU B 151 1.92 -20.97 35.40
N ASN B 152 1.49 -20.03 34.55
CA ASN B 152 0.28 -19.23 34.85
C ASN B 152 -0.81 -19.38 33.77
N LEU B 153 -0.65 -20.28 32.83
CA LEU B 153 -1.71 -20.60 31.82
C LEU B 153 -2.93 -21.17 32.54
N PRO B 154 -4.13 -20.64 32.23
CA PRO B 154 -5.37 -21.19 32.78
C PRO B 154 -5.66 -22.58 32.18
N LEU B 155 -6.61 -23.27 32.81
CA LEU B 155 -6.97 -24.67 32.45
C LEU B 155 -5.71 -25.48 32.17
N PRO B 156 -4.78 -25.57 33.15
CA PRO B 156 -3.49 -26.22 32.93
C PRO B 156 -3.56 -27.73 32.63
N GLU B 157 -4.59 -28.46 33.08
CA GLU B 157 -4.71 -29.91 32.72
C GLU B 157 -4.87 -30.02 31.20
N TYR B 158 -5.36 -28.96 30.52
CA TYR B 158 -5.63 -28.94 29.07
C TYR B 158 -4.42 -28.33 28.33
N THR B 159 -3.82 -27.27 28.90
CA THR B 159 -2.90 -26.33 28.17
C THR B 159 -1.41 -26.66 28.39
N LYS B 160 -1.00 -27.22 29.53
CA LYS B 160 0.45 -27.52 29.77
C LYS B 160 0.86 -28.82 29.07
N ARG B 161 2.14 -28.97 28.70
N ARG B 161 2.14 -28.95 28.72
CA ARG B 161 2.64 -30.17 27.96
CA ARG B 161 2.69 -30.14 27.98
C ARG B 161 2.34 -31.45 28.74
C ARG B 161 2.37 -31.43 28.74
N ASP B 162 2.53 -31.44 30.07
CA ASP B 162 2.28 -32.65 30.90
C ASP B 162 0.89 -32.61 31.51
N GLY B 163 -0.02 -31.75 31.01
CA GLY B 163 -1.41 -31.71 31.47
C GLY B 163 -2.04 -33.10 31.38
N ARG B 164 -2.86 -33.48 32.35
CA ARG B 164 -3.58 -34.78 32.32
C ARG B 164 -4.40 -34.97 31.02
N LEU B 165 -5.03 -33.90 30.51
CA LEU B 165 -5.97 -34.00 29.37
C LEU B 165 -5.37 -33.34 28.13
N ASN B 166 -4.08 -33.02 28.10
CA ASN B 166 -3.41 -32.59 26.83
C ASN B 166 -2.86 -33.83 26.14
N LEU B 167 -3.29 -34.10 24.92
CA LEU B 167 -2.88 -35.33 24.19
C LEU B 167 -1.70 -35.06 23.24
N ALA B 168 -1.25 -33.82 23.13
CA ALA B 168 -0.29 -33.45 22.05
C ALA B 168 1.02 -34.24 22.13
N SER B 169 1.59 -34.44 23.33
CA SER B 169 2.91 -35.11 23.39
C SER B 169 2.81 -36.62 23.15
N ARG B 170 1.62 -37.22 23.25
CA ARG B 170 1.37 -38.68 23.15
C ARG B 170 0.98 -39.11 21.75
N LEU B 171 0.34 -38.26 20.95
CA LEU B 171 -0.28 -38.69 19.67
C LEU B 171 0.73 -38.66 18.52
N PRO B 172 0.56 -39.59 17.55
CA PRO B 172 1.32 -39.51 16.30
C PRO B 172 1.10 -38.27 15.41
N SER B 173 1.98 -38.08 14.41
CA SER B 173 2.00 -36.89 13.53
C SER B 173 0.73 -36.75 12.70
N TYR B 174 -0.06 -37.79 12.49
CA TYR B 174 -1.35 -37.69 11.73
C TYR B 174 -2.45 -36.98 12.57
N PHE B 175 -2.18 -36.68 13.86
CA PHE B 175 -3.10 -35.87 14.72
C PHE B 175 -2.51 -34.47 14.98
N VAL B 176 -1.20 -34.32 15.09
CA VAL B 176 -0.59 -33.08 15.66
C VAL B 176 0.88 -32.98 15.29
N ARG B 177 1.35 -31.75 15.05
CA ARG B 177 2.78 -31.46 14.88
C ARG B 177 3.52 -31.78 16.18
N PRO B 178 4.75 -32.35 16.12
CA PRO B 178 5.54 -32.63 17.32
C PRO B 178 6.13 -31.37 17.98
N ASP B 179 6.40 -31.49 19.29
CA ASP B 179 7.18 -30.53 20.10
C ASP B 179 6.55 -29.12 19.98
N LEU B 180 5.29 -28.97 20.37
CA LEU B 180 4.62 -27.65 20.40
C LEU B 180 5.33 -26.75 21.43
N GLY B 181 5.50 -25.46 21.12
CA GLY B 181 5.91 -24.41 22.09
C GLY B 181 5.16 -23.11 21.79
N PRO B 182 5.28 -22.11 22.67
CA PRO B 182 4.53 -20.85 22.52
C PRO B 182 5.05 -20.00 21.38
N LYS B 183 4.14 -19.17 20.85
CA LYS B 183 4.46 -18.19 19.77
C LYS B 183 3.99 -16.81 20.23
N MET B 184 4.77 -15.81 19.92
CA MET B 184 4.52 -14.40 20.31
C MET B 184 3.94 -13.65 19.12
N TYR B 185 2.89 -12.83 19.30
CA TYR B 185 2.23 -12.04 18.24
C TYR B 185 2.27 -10.57 18.64
N ASN B 186 3.02 -9.77 17.88
CA ASN B 186 3.39 -8.39 18.27
C ASN B 186 3.01 -7.45 17.10
N ALA B 187 2.10 -6.50 17.30
CA ALA B 187 1.67 -5.62 16.18
C ALA B 187 1.09 -4.33 16.74
N TYR B 188 1.22 -3.26 15.95
CA TYR B 188 0.68 -1.93 16.30
C TYR B 188 -0.85 -1.98 16.23
N GLY B 189 -1.53 -0.99 16.81
CA GLY B 189 -2.99 -0.79 16.65
C GLY B 189 -3.38 -0.22 15.31
N LEU B 190 -4.48 -0.65 14.71
CA LEU B 190 -5.11 0.01 13.52
C LEU B 190 -5.80 1.31 13.97
N ILE B 191 -5.86 2.34 13.10
CA ILE B 191 -5.96 3.77 13.54
C ILE B 191 -7.11 4.49 12.81
N THR B 192 -7.19 4.39 11.48
CA THR B 192 -8.03 5.30 10.66
C THR B 192 -9.38 4.64 10.40
N ALA B 193 -10.33 5.42 9.87
CA ALA B 193 -11.65 4.90 9.43
C ALA B 193 -11.46 3.87 8.32
N GLU B 194 -10.52 4.03 7.37
CA GLU B 194 -10.28 3.02 6.31
C GLU B 194 -9.67 1.76 6.95
N ASP B 195 -8.94 1.93 8.05
CA ASP B 195 -8.32 0.80 8.79
C ASP B 195 -9.40 -0.13 9.33
N ARG B 196 -10.66 0.30 9.46
CA ARG B 196 -11.67 -0.55 10.14
C ARG B 196 -11.88 -1.85 9.37
N ARG B 197 -11.68 -1.87 8.04
CA ARG B 197 -11.87 -3.04 7.16
C ARG B 197 -10.60 -3.89 7.00
N VAL B 198 -9.54 -3.62 7.74
CA VAL B 198 -8.22 -4.32 7.66
C VAL B 198 -8.11 -5.27 8.87
N GLY B 199 -7.51 -6.44 8.67
CA GLY B 199 -7.15 -7.36 9.77
C GLY B 199 -5.70 -7.17 10.22
N THR B 200 -5.42 -7.32 11.51
CA THR B 200 -4.06 -7.61 12.02
C THR B 200 -3.70 -9.03 11.53
N THR B 201 -4.62 -10.00 11.73
CA THR B 201 -4.47 -11.41 11.28
C THR B 201 -5.75 -11.76 10.53
N ASN B 202 -5.64 -12.06 9.23
CA ASN B 202 -6.80 -12.31 8.36
C ASN B 202 -7.48 -13.60 8.82
N LEU B 203 -8.73 -13.76 8.42
CA LEU B 203 -9.54 -14.97 8.61
C LEU B 203 -8.75 -16.22 8.19
N HIS B 204 -8.65 -17.17 9.12
CA HIS B 204 -7.92 -18.44 8.90
C HIS B 204 -8.45 -19.47 9.89
N LEU B 205 -7.99 -20.70 9.79
CA LEU B 205 -8.24 -21.69 10.88
C LEU B 205 -6.89 -22.33 11.25
N ASP B 206 -6.82 -22.91 12.46
CA ASP B 206 -5.66 -23.71 12.94
C ASP B 206 -6.06 -25.17 13.15
N VAL B 207 -5.10 -26.09 12.94
CA VAL B 207 -5.37 -27.55 12.91
C VAL B 207 -5.34 -28.16 14.33
N SER B 208 -4.97 -27.40 15.35
CA SER B 208 -5.01 -27.84 16.76
C SER B 208 -5.89 -26.86 17.55
N ASP B 209 -6.24 -27.23 18.78
CA ASP B 209 -6.77 -26.27 19.76
C ASP B 209 -5.69 -25.25 20.15
N ALA B 210 -6.09 -24.06 20.66
CA ALA B 210 -5.11 -23.05 21.12
C ALA B 210 -5.68 -22.15 22.21
N VAL B 211 -4.78 -21.60 23.02
CA VAL B 211 -5.08 -20.51 23.96
C VAL B 211 -4.21 -19.30 23.63
N ASN B 212 -4.82 -18.11 23.58
CA ASN B 212 -4.10 -16.86 23.22
C ASN B 212 -4.22 -15.89 24.39
N VAL B 213 -3.09 -15.51 24.97
CA VAL B 213 -3.08 -14.62 26.19
C VAL B 213 -2.60 -13.21 25.81
N MET B 214 -3.38 -12.19 26.18
CA MET B 214 -3.00 -10.76 26.02
C MET B 214 -2.09 -10.34 27.18
N VAL B 215 -0.79 -10.15 26.94
CA VAL B 215 0.18 -9.89 28.05
C VAL B 215 0.52 -8.40 28.18
N TYR B 216 0.26 -7.59 27.15
CA TYR B 216 0.57 -6.12 27.21
C TYR B 216 -0.29 -5.39 26.19
N VAL B 217 -0.82 -4.23 26.59
CA VAL B 217 -1.56 -3.31 25.70
C VAL B 217 -0.94 -1.91 25.85
N GLY B 218 -0.56 -1.33 24.70
CA GLY B 218 0.09 0.00 24.66
C GLY B 218 -0.80 1.00 23.97
N ILE B 219 -1.23 2.00 24.72
CA ILE B 219 -2.16 3.07 24.26
C ILE B 219 -1.33 4.33 24.02
N PRO B 220 -1.14 4.80 22.77
CA PRO B 220 -0.39 6.04 22.54
C PRO B 220 -1.15 7.25 23.11
N ILE B 221 -0.41 8.29 23.60
CA ILE B 221 -0.93 9.69 23.81
C ILE B 221 -0.26 10.62 22.78
N ALA B 225 -6.34 11.54 23.37
CA ALA B 225 -7.22 10.35 23.32
C ALA B 225 -7.89 10.26 21.94
N HIS B 226 -7.32 9.46 21.03
CA HIS B 226 -7.94 9.05 19.73
C HIS B 226 -8.72 7.75 19.96
N ASP B 227 -9.47 7.71 21.05
CA ASP B 227 -10.49 6.67 21.41
C ASP B 227 -11.69 6.79 20.47
N GLU B 228 -11.77 7.87 19.68
CA GLU B 228 -12.96 8.21 18.84
C GLU B 228 -13.26 7.03 17.90
N GLU B 229 -12.31 6.71 17.04
CA GLU B 229 -12.42 5.64 16.02
C GLU B 229 -12.48 4.26 16.70
N VAL B 230 -11.76 4.07 17.80
CA VAL B 230 -11.82 2.78 18.57
C VAL B 230 -13.27 2.51 19.03
N LEU B 231 -13.98 3.50 19.61
CA LEU B 231 -15.38 3.31 20.09
C LEU B 231 -16.34 2.96 18.92
N LYS B 232 -16.17 3.58 17.75
CA LYS B 232 -17.00 3.28 16.56
C LYS B 232 -16.70 1.86 16.05
N THR B 233 -15.44 1.43 16.12
CA THR B 233 -14.99 0.09 15.65
C THR B 233 -15.61 -1.01 16.53
N ILE B 234 -15.71 -0.76 17.84
CA ILE B 234 -16.29 -1.71 18.85
C ILE B 234 -17.77 -1.93 18.52
N ASP B 235 -18.47 -0.81 18.29
CA ASP B 235 -19.94 -0.79 18.05
C ASP B 235 -20.29 -1.54 16.74
N GLU B 236 -19.76 -1.06 15.62
CA GLU B 236 -19.93 -1.66 14.26
C GLU B 236 -19.48 -3.13 14.29
N GLY B 237 -18.46 -3.44 15.12
CA GLY B 237 -17.88 -4.78 15.33
C GLY B 237 -18.90 -5.73 15.93
N ASP B 238 -20.01 -5.20 16.49
CA ASP B 238 -21.17 -6.00 16.96
C ASP B 238 -20.87 -6.57 18.34
N ALA B 239 -20.02 -5.92 19.13
CA ALA B 239 -19.83 -6.27 20.57
C ALA B 239 -21.17 -6.12 21.31
N ASP B 240 -21.29 -6.71 22.51
CA ASP B 240 -22.51 -6.64 23.37
C ASP B 240 -22.37 -5.49 24.37
N GLU B 241 -23.42 -5.19 25.13
CA GLU B 241 -23.49 -3.99 26.02
C GLU B 241 -22.56 -4.17 27.22
N VAL B 242 -22.41 -5.40 27.74
CA VAL B 242 -21.47 -5.69 28.86
C VAL B 242 -20.04 -5.39 28.37
N THR B 243 -19.68 -5.81 27.15
CA THR B 243 -18.37 -5.53 26.51
C THR B 243 -18.21 -4.01 26.34
N LYS B 244 -19.22 -3.35 25.76
CA LYS B 244 -19.23 -1.88 25.48
C LYS B 244 -19.07 -1.08 26.78
N GLU B 245 -19.48 -1.63 27.93
CA GLU B 245 -19.41 -0.95 29.25
C GLU B 245 -18.12 -1.34 29.98
N ARG B 246 -17.39 -2.35 29.50
CA ARG B 246 -16.08 -2.77 30.05
C ARG B 246 -15.04 -1.72 29.63
N ILE B 247 -15.28 -0.98 28.54
CA ILE B 247 -14.32 0.01 27.96
C ILE B 247 -14.62 1.42 28.53
N HIS B 248 -15.29 1.49 29.69
CA HIS B 248 -15.59 2.74 30.44
C HIS B 248 -15.46 2.48 31.95
N ASP B 249 -16.41 1.70 32.49
CA ASP B 249 -16.66 1.48 33.95
C ASP B 249 -15.34 1.22 34.70
N HIS B 250 -14.66 0.11 34.38
CA HIS B 250 -13.53 -0.45 35.19
C HIS B 250 -12.18 0.12 34.73
N LYS B 251 -12.16 0.87 33.62
CA LYS B 251 -10.93 1.45 33.00
C LYS B 251 -9.89 0.35 32.76
N GLU B 252 -10.31 -0.72 32.08
CA GLU B 252 -9.39 -1.77 31.55
C GLU B 252 -8.93 -1.35 30.15
N LYS B 253 -7.78 -1.86 29.74
CA LYS B 253 -7.15 -1.56 28.43
C LYS B 253 -7.63 -2.58 27.41
N PRO B 254 -8.50 -2.19 26.46
CA PRO B 254 -8.93 -3.08 25.38
C PRO B 254 -7.82 -3.24 24.33
N GLY B 255 -7.49 -4.48 23.96
CA GLY B 255 -6.35 -4.77 23.07
C GLY B 255 -6.81 -5.06 21.64
N ALA B 256 -7.70 -6.03 21.40
CA ALA B 256 -8.03 -6.54 20.05
C ALA B 256 -9.50 -6.98 19.98
N LEU B 257 -10.07 -6.80 18.83
CA LEU B 257 -11.41 -7.27 18.43
C LEU B 257 -11.23 -8.54 17.60
N TRP B 258 -11.82 -9.62 18.08
CA TRP B 258 -11.86 -10.93 17.39
C TRP B 258 -13.24 -11.17 16.77
N HIS B 259 -13.31 -11.86 15.66
CA HIS B 259 -14.54 -12.58 15.24
C HIS B 259 -14.19 -14.06 15.11
N ILE B 260 -14.90 -14.93 15.83
CA ILE B 260 -14.68 -16.39 15.81
C ILE B 260 -15.96 -17.07 15.33
N TYR B 261 -15.83 -18.09 14.49
CA TYR B 261 -16.98 -18.89 13.93
C TYR B 261 -16.82 -20.35 14.32
N ALA B 262 -17.96 -21.06 14.50
CA ALA B 262 -17.92 -22.51 14.79
C ALA B 262 -17.19 -23.31 13.68
N ALA B 263 -16.44 -24.35 14.04
CA ALA B 263 -15.80 -25.27 13.06
C ALA B 263 -16.82 -25.84 12.08
N LYS B 264 -18.06 -26.10 12.51
CA LYS B 264 -19.13 -26.68 11.61
C LYS B 264 -19.58 -25.67 10.55
N ASP B 265 -19.31 -24.36 10.67
CA ASP B 265 -19.74 -23.30 9.73
C ASP B 265 -18.64 -22.93 8.73
N ALA B 266 -17.48 -23.57 8.78
CA ALA B 266 -16.35 -23.24 7.87
C ALA B 266 -16.77 -23.36 6.39
N GLU B 267 -17.45 -24.42 5.99
CA GLU B 267 -17.79 -24.64 4.53
C GLU B 267 -18.75 -23.54 4.05
N LYS B 268 -19.74 -23.14 4.85
CA LYS B 268 -20.66 -22.01 4.49
C LYS B 268 -19.87 -20.71 4.30
N ILE B 269 -18.82 -20.45 5.12
CA ILE B 269 -17.97 -19.24 4.96
C ILE B 269 -17.22 -19.38 3.63
N ARG B 270 -16.70 -20.57 3.30
CA ARG B 270 -16.00 -20.80 2.01
C ARG B 270 -16.98 -20.51 0.86
N GLU B 271 -18.22 -21.00 0.94
CA GLU B 271 -19.24 -20.74 -0.12
C GLU B 271 -19.39 -19.23 -0.32
N LEU B 272 -19.58 -18.45 0.75
CA LEU B 272 -19.77 -16.98 0.66
C LEU B 272 -18.56 -16.35 -0.05
N LEU B 273 -17.35 -16.66 0.40
CA LEU B 273 -16.13 -15.99 -0.11
C LEU B 273 -15.77 -16.45 -1.52
N ARG B 274 -16.13 -17.67 -1.96
CA ARG B 274 -15.96 -18.07 -3.38
C ARG B 274 -16.86 -17.15 -4.23
N LYS B 275 -18.10 -16.92 -3.79
CA LYS B 275 -19.07 -16.04 -4.52
C LYS B 275 -18.48 -14.63 -4.56
N VAL B 276 -18.21 -14.03 -3.40
CA VAL B 276 -17.75 -12.61 -3.33
C VAL B 276 -16.48 -12.45 -4.16
N GLY B 277 -15.60 -13.47 -4.13
CA GLY B 277 -14.35 -13.47 -4.91
C GLY B 277 -14.64 -13.36 -6.40
N GLU B 278 -15.64 -14.12 -6.87
CA GLU B 278 -16.12 -14.14 -8.27
C GLU B 278 -16.65 -12.74 -8.62
N GLU B 279 -17.39 -12.10 -7.72
CA GLU B 279 -18.00 -10.74 -7.92
C GLU B 279 -16.89 -9.68 -8.03
N GLN B 280 -15.73 -9.90 -7.43
CA GLN B 280 -14.66 -8.88 -7.35
C GLN B 280 -13.62 -9.10 -8.46
N GLY B 281 -13.85 -10.04 -9.38
CA GLY B 281 -12.94 -10.28 -10.52
C GLY B 281 -12.22 -11.60 -10.45
N GLN B 282 -11.72 -11.97 -9.27
CA GLN B 282 -10.88 -13.18 -9.02
C GLN B 282 -11.34 -14.34 -9.92
N GLU B 283 -10.40 -15.06 -10.54
CA GLU B 283 -10.65 -16.31 -11.30
C GLU B 283 -10.06 -17.46 -10.49
N ASN B 284 -10.91 -18.21 -9.79
CA ASN B 284 -10.50 -19.29 -8.85
C ASN B 284 -11.23 -20.56 -9.28
N PRO B 285 -10.61 -21.76 -9.16
CA PRO B 285 -11.33 -23.01 -9.39
C PRO B 285 -12.49 -23.17 -8.40
N PRO B 286 -13.48 -24.04 -8.66
CA PRO B 286 -14.62 -24.20 -7.76
C PRO B 286 -14.20 -24.86 -6.44
N ASP B 287 -12.99 -25.45 -6.44
CA ASP B 287 -12.30 -26.15 -5.32
C ASP B 287 -11.70 -25.16 -4.32
N HIS B 288 -11.35 -23.98 -4.80
CA HIS B 288 -10.58 -22.95 -4.08
C HIS B 288 -11.02 -22.84 -2.61
N ASP B 289 -10.04 -22.71 -1.71
CA ASP B 289 -10.29 -22.59 -0.24
C ASP B 289 -9.87 -21.21 0.23
N PRO B 290 -10.80 -20.24 0.32
CA PRO B 290 -10.50 -18.88 0.76
C PRO B 290 -10.07 -18.76 2.23
N ILE B 291 -10.36 -19.77 3.05
CA ILE B 291 -9.92 -19.77 4.48
C ILE B 291 -8.43 -20.16 4.50
N HIS B 292 -8.05 -21.21 3.75
CA HIS B 292 -6.61 -21.61 3.55
C HIS B 292 -5.80 -20.44 2.96
N ASP B 293 -6.37 -19.63 2.06
CA ASP B 293 -5.66 -18.47 1.43
C ASP B 293 -5.25 -17.40 2.43
N GLN B 294 -5.98 -17.27 3.55
CA GLN B 294 -5.70 -16.27 4.60
C GLN B 294 -5.66 -14.85 3.96
N SER B 295 -6.50 -14.58 2.96
CA SER B 295 -6.47 -13.30 2.19
C SER B 295 -7.64 -12.37 2.54
N TRP B 296 -8.58 -12.79 3.39
CA TRP B 296 -9.86 -12.10 3.66
C TRP B 296 -9.95 -11.56 5.08
N TYR B 297 -10.54 -10.38 5.22
CA TYR B 297 -11.02 -9.88 6.53
C TYR B 297 -12.50 -9.56 6.41
N LEU B 298 -13.36 -10.18 7.23
CA LEU B 298 -14.82 -9.95 7.13
C LEU B 298 -15.19 -8.61 7.81
N ASP B 299 -15.54 -7.60 6.99
CA ASP B 299 -15.90 -6.25 7.47
C ASP B 299 -17.40 -6.27 7.79
N GLN B 300 -17.95 -5.16 8.25
CA GLN B 300 -19.39 -5.17 8.64
C GLN B 300 -20.26 -5.70 7.50
N THR B 301 -19.97 -5.30 6.26
CA THR B 301 -20.83 -5.67 5.10
C THR B 301 -20.79 -7.20 4.96
N LEU B 302 -19.60 -7.80 5.04
CA LEU B 302 -19.47 -9.27 4.79
C LEU B 302 -20.10 -10.04 5.96
N ARG B 303 -19.91 -9.60 7.21
CA ARG B 303 -20.48 -10.27 8.40
C ARG B 303 -22.02 -10.29 8.30
N LYS B 304 -22.64 -9.19 7.88
CA LYS B 304 -24.13 -9.10 7.82
C LYS B 304 -24.66 -10.07 6.76
N ARG B 305 -24.02 -10.08 5.60
CA ARG B 305 -24.30 -10.96 4.45
C ARG B 305 -24.08 -12.44 4.82
N LEU B 306 -23.03 -12.78 5.60
CA LEU B 306 -22.83 -14.17 6.10
C LEU B 306 -24.07 -14.57 6.90
N TYR B 307 -24.52 -13.73 7.82
CA TYR B 307 -25.72 -14.01 8.65
C TYR B 307 -27.00 -14.17 7.80
N GLU B 308 -27.29 -13.14 7.00
N GLU B 308 -27.31 -13.18 6.97
CA GLU B 308 -28.50 -13.04 6.12
CA GLU B 308 -28.58 -13.11 6.20
C GLU B 308 -28.58 -14.25 5.20
C GLU B 308 -28.63 -14.24 5.15
N GLU B 309 -27.54 -14.48 4.40
CA GLU B 309 -27.55 -15.52 3.34
C GLU B 309 -27.33 -16.92 3.88
N TYR B 310 -26.55 -17.14 4.95
CA TYR B 310 -26.16 -18.52 5.34
C TYR B 310 -26.58 -18.91 6.76
N GLY B 311 -27.12 -17.99 7.57
CA GLY B 311 -27.58 -18.29 8.94
C GLY B 311 -26.44 -18.29 9.95
N VAL B 312 -25.25 -17.87 9.55
CA VAL B 312 -24.02 -18.02 10.40
C VAL B 312 -23.78 -16.75 11.21
N GLN B 313 -23.70 -16.86 12.53
CA GLN B 313 -23.65 -15.69 13.46
C GLN B 313 -22.22 -15.39 13.94
N GLY B 314 -21.53 -16.35 14.54
CA GLY B 314 -20.18 -16.07 15.10
C GLY B 314 -20.12 -15.18 16.35
N TRP B 315 -18.95 -15.11 16.99
CA TRP B 315 -18.72 -14.47 18.30
C TRP B 315 -17.84 -13.22 18.09
N ALA B 316 -18.30 -12.03 18.50
CA ALA B 316 -17.49 -10.78 18.50
C ALA B 316 -16.96 -10.58 19.92
N ILE B 317 -15.65 -10.74 20.10
CA ILE B 317 -14.98 -10.71 21.44
C ILE B 317 -13.95 -9.56 21.46
N VAL B 318 -13.98 -8.76 22.50
CA VAL B 318 -12.92 -7.80 22.83
C VAL B 318 -12.02 -8.41 23.90
N GLN B 319 -10.76 -8.63 23.51
CA GLN B 319 -9.71 -9.19 24.38
C GLN B 319 -9.00 -8.00 25.06
N PHE B 320 -9.17 -7.88 26.37
CA PHE B 320 -8.50 -6.87 27.19
C PHE B 320 -7.19 -7.42 27.74
N LEU B 321 -6.35 -6.56 28.31
CA LEU B 321 -5.12 -6.98 29.01
C LEU B 321 -5.46 -8.09 30.01
N GLY B 322 -4.79 -9.24 29.90
CA GLY B 322 -4.93 -10.39 30.81
C GLY B 322 -5.95 -11.42 30.36
N ASP B 323 -6.71 -11.15 29.29
CA ASP B 323 -7.76 -12.08 28.79
C ASP B 323 -7.09 -13.20 27.97
N ALA B 324 -7.42 -14.44 28.31
CA ALA B 324 -7.05 -15.65 27.56
C ALA B 324 -8.25 -16.11 26.75
N VAL B 325 -8.08 -16.23 25.43
CA VAL B 325 -9.13 -16.67 24.48
C VAL B 325 -8.80 -18.10 24.04
N PHE B 326 -9.73 -19.01 24.32
CA PHE B 326 -9.63 -20.44 23.92
C PHE B 326 -10.33 -20.62 22.57
N ILE B 327 -9.61 -21.16 21.60
CA ILE B 327 -10.08 -21.29 20.17
C ILE B 327 -10.12 -22.76 19.79
N PRO B 328 -11.30 -23.36 19.51
CA PRO B 328 -11.39 -24.75 19.09
C PRO B 328 -10.65 -25.00 17.76
N ALA B 329 -10.03 -26.18 17.63
CA ALA B 329 -9.43 -26.65 16.37
C ALA B 329 -10.48 -26.48 15.25
N GLY B 330 -10.09 -25.79 14.17
CA GLY B 330 -10.92 -25.69 12.97
C GLY B 330 -11.91 -24.55 13.03
N ALA B 331 -12.02 -23.82 14.12
CA ALA B 331 -12.92 -22.63 14.24
C ALA B 331 -12.26 -21.50 13.45
N PRO B 332 -12.83 -21.05 12.32
CA PRO B 332 -12.25 -19.88 11.62
C PRO B 332 -12.29 -18.59 12.45
N HIS B 333 -11.22 -17.78 12.39
CA HIS B 333 -11.12 -16.57 13.20
C HIS B 333 -10.20 -15.53 12.55
N GLN B 334 -10.51 -14.28 12.92
CA GLN B 334 -9.77 -13.07 12.47
C GLN B 334 -9.53 -12.16 13.68
N VAL B 335 -8.47 -11.35 13.64
CA VAL B 335 -8.11 -10.44 14.75
C VAL B 335 -7.83 -9.03 14.21
N HIS B 336 -8.37 -8.00 14.88
CA HIS B 336 -8.16 -6.55 14.54
C HIS B 336 -7.68 -5.80 15.77
N ASN B 337 -6.39 -5.44 15.83
CA ASN B 337 -5.83 -4.74 17.00
C ASN B 337 -6.43 -3.33 17.11
N LEU B 338 -6.98 -3.01 18.27
CA LEU B 338 -7.50 -1.65 18.63
C LEU B 338 -6.37 -0.72 19.07
N TYR B 339 -5.42 -1.24 19.82
CA TYR B 339 -4.21 -0.55 20.28
C TYR B 339 -3.03 -1.51 19.98
N SER B 340 -1.80 -1.08 20.26
CA SER B 340 -0.63 -1.95 20.08
C SER B 340 -0.70 -3.07 21.14
N CYS B 341 -0.44 -4.31 20.74
CA CYS B 341 -0.65 -5.51 21.60
C CYS B 341 0.55 -6.46 21.54
N ILE B 342 0.87 -7.09 22.67
CA ILE B 342 1.75 -8.28 22.76
C ILE B 342 0.85 -9.46 23.21
N LYS B 343 0.71 -10.46 22.35
CA LYS B 343 -0.05 -11.72 22.68
C LYS B 343 0.93 -12.88 22.70
N VAL B 344 0.64 -13.91 23.51
CA VAL B 344 1.40 -15.18 23.44
C VAL B 344 0.39 -16.32 23.36
N ALA B 345 0.57 -17.22 22.40
CA ALA B 345 -0.37 -18.34 22.15
C ALA B 345 0.32 -19.72 22.32
N GLU B 346 -0.41 -20.70 22.88
CA GLU B 346 0.08 -22.11 23.00
C GLU B 346 -0.95 -23.03 22.35
N ASP B 347 -0.50 -23.92 21.47
CA ASP B 347 -1.34 -24.97 20.85
C ASP B 347 -1.41 -26.18 21.82
N PHE B 348 -2.53 -26.91 21.79
CA PHE B 348 -2.72 -28.15 22.58
C PHE B 348 -3.71 -29.06 21.83
N VAL B 349 -3.95 -30.28 22.34
CA VAL B 349 -4.93 -31.21 21.74
C VAL B 349 -5.84 -31.78 22.85
N SER B 350 -7.10 -31.33 22.92
CA SER B 350 -8.11 -31.84 23.89
C SER B 350 -8.71 -33.15 23.36
N PRO B 351 -9.09 -34.09 24.26
CA PRO B 351 -9.84 -35.27 23.81
C PRO B 351 -11.15 -34.96 23.07
N GLU B 352 -11.84 -33.92 23.49
CA GLU B 352 -13.14 -33.45 22.96
C GLU B 352 -12.98 -33.22 21.44
N HIS B 353 -11.80 -32.74 20.99
CA HIS B 353 -11.60 -32.28 19.60
C HIS B 353 -10.59 -33.18 18.83
N VAL B 354 -10.26 -34.37 19.32
CA VAL B 354 -9.19 -35.19 18.69
C VAL B 354 -9.62 -35.68 17.29
N LYS B 355 -10.89 -35.96 17.06
CA LYS B 355 -11.36 -36.37 15.69
C LYS B 355 -11.15 -35.21 14.71
N HIS B 356 -11.53 -34.00 15.09
CA HIS B 356 -11.32 -32.77 14.28
C HIS B 356 -9.84 -32.62 13.96
N CYS B 357 -8.96 -32.74 14.96
CA CYS B 357 -7.51 -32.59 14.76
C CYS B 357 -7.01 -33.55 13.65
N PHE B 358 -7.46 -34.81 13.63
CA PHE B 358 -7.03 -35.79 12.59
C PHE B 358 -7.49 -35.30 11.19
N ARG B 359 -8.76 -34.93 11.08
CA ARG B 359 -9.39 -34.49 9.79
C ARG B 359 -8.71 -33.21 9.31
N LEU B 360 -8.49 -32.25 10.19
CA LEU B 360 -7.80 -30.97 9.80
C LEU B 360 -6.36 -31.21 9.35
N THR B 361 -5.63 -32.11 10.01
CA THR B 361 -4.25 -32.42 9.64
C THR B 361 -4.23 -33.06 8.23
N GLN B 362 -5.15 -33.97 7.98
CA GLN B 362 -5.34 -34.61 6.66
C GLN B 362 -5.55 -33.51 5.60
N GLU B 363 -6.48 -32.61 5.84
CA GLU B 363 -6.86 -31.55 4.87
C GLU B 363 -5.67 -30.61 4.67
N PHE B 364 -4.89 -30.28 5.72
CA PHE B 364 -3.71 -29.39 5.60
C PHE B 364 -2.69 -30.03 4.66
N ARG B 365 -2.39 -31.32 4.82
CA ARG B 365 -1.43 -32.10 3.99
C ARG B 365 -1.92 -32.12 2.54
N HIS B 366 -3.21 -32.30 2.32
CA HIS B 366 -3.84 -32.26 0.95
C HIS B 366 -3.67 -30.87 0.31
N LEU B 367 -3.99 -29.80 1.04
CA LEU B 367 -3.89 -28.40 0.53
C LEU B 367 -2.44 -28.03 0.31
N SER B 368 -1.50 -28.71 0.95
CA SER B 368 -0.04 -28.46 0.86
C SER B 368 0.46 -28.70 -0.57
N ASN B 369 0.09 -29.84 -1.17
CA ASN B 369 0.60 -30.29 -2.50
C ASN B 369 -0.58 -30.50 -3.44
#